data_2MH2
#
_entry.id   2MH2
#
_entity_poly.entity_id   1
_entity_poly.type   'polypeptide(L)'
_entity_poly.pdbx_seq_one_letter_code
;MSKSRAEAAAGAPGIILRYLQEQNRPYSAQDVFGNLQKEHGLGKAAVVKALDQLAQEGKIKEKTYGKQKIYFADQNQFDT
VSDA
;
_entity_poly.pdbx_strand_id   A
#
# COMPACT_ATOMS: atom_id res chain seq x y z
N GLY A 11 -12.53 3.12 -1.24
CA GLY A 11 -11.82 3.31 0.02
C GLY A 11 -10.58 2.45 0.09
N ALA A 12 -9.82 2.40 -1.00
CA ALA A 12 -8.60 1.60 -1.07
C ALA A 12 -7.55 2.11 -0.09
N PRO A 13 -7.41 3.43 -0.03
CA PRO A 13 -6.46 4.05 0.89
C PRO A 13 -6.71 3.61 2.33
N GLY A 14 -7.99 3.53 2.71
CA GLY A 14 -8.36 3.12 4.05
C GLY A 14 -8.04 1.65 4.29
N ILE A 15 -8.32 0.81 3.30
CA ILE A 15 -8.02 -0.61 3.38
C ILE A 15 -6.52 -0.86 3.50
N ILE A 16 -5.75 -0.15 2.67
CA ILE A 16 -4.31 -0.35 2.63
C ILE A 16 -3.63 0.17 3.89
N LEU A 17 -4.03 1.36 4.32
CA LEU A 17 -3.50 1.96 5.53
C LEU A 17 -3.74 1.05 6.74
N ARG A 18 -4.99 0.64 6.93
CA ARG A 18 -5.34 -0.29 7.99
C ARG A 18 -4.50 -1.57 7.89
N TYR A 19 -4.37 -2.09 6.68
CA TYR A 19 -3.57 -3.30 6.45
C TYR A 19 -2.15 -3.11 6.94
N LEU A 20 -1.52 -2.01 6.54
CA LEU A 20 -0.12 -1.76 6.86
C LEU A 20 0.08 -1.58 8.35
N GLN A 21 -0.91 -0.96 9.00
CA GLN A 21 -0.84 -0.70 10.44
C GLN A 21 -1.00 -1.99 11.23
N GLU A 22 -1.91 -2.85 10.79
CA GLU A 22 -2.19 -4.10 11.48
C GLU A 22 -1.02 -5.07 11.34
N GLN A 23 -0.36 -5.04 10.19
CA GLN A 23 0.75 -5.94 9.92
C GLN A 23 2.05 -5.42 10.54
N ASN A 24 2.24 -4.11 10.50
CA ASN A 24 3.44 -3.49 11.04
C ASN A 24 4.67 -3.93 10.27
N ARG A 25 4.50 -4.17 8.97
CA ARG A 25 5.60 -4.65 8.13
C ARG A 25 5.59 -3.95 6.77
N PRO A 26 6.77 -3.80 6.18
CA PRO A 26 6.90 -3.19 4.86
C PRO A 26 6.42 -4.15 3.78
N TYR A 27 5.66 -3.61 2.82
CA TYR A 27 5.18 -4.39 1.69
C TYR A 27 5.34 -3.63 0.38
N SER A 28 5.75 -4.34 -0.66
CA SER A 28 5.90 -3.73 -1.98
C SER A 28 4.55 -3.38 -2.60
N ALA A 29 4.58 -2.59 -3.66
CA ALA A 29 3.38 -2.29 -4.42
C ALA A 29 2.68 -3.57 -4.88
N GLN A 30 3.47 -4.58 -5.20
CA GLN A 30 2.93 -5.86 -5.64
C GLN A 30 2.43 -6.68 -4.46
N ASP A 31 3.13 -6.59 -3.33
CA ASP A 31 2.72 -7.27 -2.12
C ASP A 31 1.33 -6.82 -1.66
N VAL A 32 1.15 -5.51 -1.58
CA VAL A 32 -0.10 -4.94 -1.09
C VAL A 32 -1.26 -5.29 -2.02
N PHE A 33 -1.05 -5.10 -3.32
CA PHE A 33 -2.06 -5.45 -4.31
C PHE A 33 -2.43 -6.92 -4.23
N GLY A 34 -1.43 -7.79 -4.34
CA GLY A 34 -1.66 -9.23 -4.40
C GLY A 34 -2.40 -9.71 -3.16
N ASN A 35 -2.04 -9.17 -2.01
CA ASN A 35 -2.61 -9.61 -0.73
C ASN A 35 -4.04 -9.11 -0.56
N LEU A 36 -4.32 -7.93 -1.10
CA LEU A 36 -5.64 -7.32 -0.98
C LEU A 36 -6.49 -7.62 -2.19
N GLN A 37 -5.89 -8.26 -3.19
CA GLN A 37 -6.62 -8.66 -4.39
C GLN A 37 -7.65 -9.74 -4.09
N LYS A 38 -7.26 -10.71 -3.27
CA LYS A 38 -8.12 -11.84 -2.97
C LYS A 38 -9.00 -11.56 -1.76
N GLU A 39 -8.59 -10.61 -0.93
CA GLU A 39 -9.27 -10.31 0.32
C GLU A 39 -10.35 -9.26 0.12
N HIS A 40 -10.04 -8.23 -0.67
CA HIS A 40 -10.93 -7.10 -0.84
C HIS A 40 -11.33 -6.91 -2.30
N GLY A 41 -10.39 -7.21 -3.20
CA GLY A 41 -10.65 -7.12 -4.63
C GLY A 41 -10.28 -5.76 -5.18
N LEU A 42 -9.25 -5.15 -4.60
CA LEU A 42 -8.77 -3.85 -5.06
C LEU A 42 -8.01 -3.96 -6.38
N GLY A 43 -8.21 -2.98 -7.25
CA GLY A 43 -7.54 -2.98 -8.55
C GLY A 43 -6.08 -2.60 -8.42
N LYS A 44 -5.29 -2.97 -9.42
CA LYS A 44 -3.85 -2.71 -9.39
C LYS A 44 -3.56 -1.22 -9.39
N ALA A 45 -4.19 -0.49 -10.30
CA ALA A 45 -4.04 0.96 -10.36
C ALA A 45 -4.61 1.63 -9.12
N ALA A 46 -5.69 1.05 -8.59
CA ALA A 46 -6.32 1.58 -7.38
C ALA A 46 -5.39 1.50 -6.19
N VAL A 47 -4.71 0.36 -6.05
CA VAL A 47 -3.78 0.16 -4.95
C VAL A 47 -2.57 1.08 -5.07
N VAL A 48 -2.00 1.16 -6.27
CA VAL A 48 -0.81 1.97 -6.51
C VAL A 48 -1.11 3.45 -6.27
N LYS A 49 -2.26 3.91 -6.77
CA LYS A 49 -2.67 5.30 -6.60
C LYS A 49 -3.02 5.60 -5.15
N ALA A 50 -3.61 4.61 -4.48
CA ALA A 50 -3.96 4.74 -3.08
C ALA A 50 -2.72 4.79 -2.21
N LEU A 51 -1.70 4.04 -2.60
CA LEU A 51 -0.42 4.06 -1.90
C LEU A 51 0.24 5.43 -1.98
N ASP A 52 0.23 6.02 -3.17
CA ASP A 52 0.76 7.36 -3.38
C ASP A 52 -0.12 8.41 -2.73
N GLN A 53 -1.42 8.14 -2.68
CA GLN A 53 -2.36 9.04 -2.01
C GLN A 53 -2.09 9.09 -0.51
N LEU A 54 -1.87 7.92 0.09
CA LEU A 54 -1.57 7.85 1.51
C LEU A 54 -0.25 8.52 1.85
N ALA A 55 0.75 8.29 1.01
CA ALA A 55 2.06 8.90 1.20
C ALA A 55 1.99 10.42 1.04
N GLN A 56 1.14 10.87 0.13
CA GLN A 56 0.93 12.31 -0.08
C GLN A 56 0.24 12.94 1.12
N GLU A 57 -0.68 12.19 1.74
CA GLU A 57 -1.38 12.67 2.92
C GLU A 57 -0.51 12.57 4.17
N GLY A 58 0.50 11.70 4.10
CA GLY A 58 1.44 11.56 5.20
C GLY A 58 1.01 10.46 6.16
N LYS A 59 0.20 9.52 5.66
CA LYS A 59 -0.26 8.40 6.47
C LYS A 59 0.75 7.26 6.44
N ILE A 60 1.41 7.08 5.31
CA ILE A 60 2.43 6.05 5.16
C ILE A 60 3.72 6.61 4.59
N LYS A 61 4.80 5.86 4.71
CA LYS A 61 6.07 6.23 4.10
C LYS A 61 6.43 5.32 2.94
N GLU A 62 7.32 5.78 2.08
CA GLU A 62 7.67 5.06 0.86
C GLU A 62 9.17 5.06 0.62
N LYS A 63 9.68 3.96 0.09
CA LYS A 63 11.08 3.89 -0.34
C LYS A 63 11.23 3.14 -1.64
N THR A 64 12.10 3.62 -2.52
CA THR A 64 12.33 3.01 -3.81
C THR A 64 13.50 2.04 -3.75
N TYR A 65 13.23 0.77 -4.06
CA TYR A 65 14.28 -0.26 -4.05
C TYR A 65 14.50 -0.81 -5.45
N GLY A 66 15.48 -0.26 -6.15
CA GLY A 66 15.75 -0.64 -7.53
C GLY A 66 14.72 -0.07 -8.49
N LYS A 67 13.92 -0.96 -9.09
CA LYS A 67 12.85 -0.54 -9.98
C LYS A 67 11.49 -0.70 -9.31
N GLN A 68 11.50 -1.20 -8.08
CA GLN A 68 10.26 -1.43 -7.34
C GLN A 68 10.12 -0.44 -6.18
N LYS A 69 8.89 -0.29 -5.68
CA LYS A 69 8.64 0.59 -4.55
C LYS A 69 8.03 -0.19 -3.39
N ILE A 70 8.42 0.17 -2.17
CA ILE A 70 7.92 -0.49 -0.97
C ILE A 70 7.32 0.53 0.00
N TYR A 71 6.15 0.21 0.53
CA TYR A 71 5.42 1.13 1.39
C TYR A 71 5.21 0.54 2.78
N PHE A 72 5.13 1.41 3.78
CA PHE A 72 4.82 0.98 5.14
C PHE A 72 4.20 2.11 5.94
N ALA A 73 3.34 1.75 6.90
CA ALA A 73 2.62 2.73 7.69
C ALA A 73 3.52 3.39 8.72
N ASP A 74 3.28 4.67 8.98
CA ASP A 74 4.08 5.41 9.95
C ASP A 74 3.59 6.85 10.09
N GLY A 11 -12.46 3.08 -1.52
CA GLY A 11 -11.83 3.26 -0.21
C GLY A 11 -10.58 2.41 -0.09
N ALA A 12 -9.80 2.34 -1.17
CA ALA A 12 -8.57 1.56 -1.18
C ALA A 12 -7.55 2.13 -0.21
N PRO A 13 -7.43 3.44 -0.18
CA PRO A 13 -6.51 4.11 0.74
C PRO A 13 -6.78 3.70 2.18
N GLY A 14 -8.05 3.61 2.54
CA GLY A 14 -8.44 3.22 3.89
C GLY A 14 -8.09 1.77 4.17
N ILE A 15 -8.33 0.91 3.20
CA ILE A 15 -8.01 -0.51 3.33
C ILE A 15 -6.52 -0.72 3.46
N ILE A 16 -5.74 -0.02 2.64
CA ILE A 16 -4.29 -0.18 2.63
C ILE A 16 -3.66 0.38 3.90
N LEU A 17 -4.11 1.56 4.31
CA LEU A 17 -3.63 2.18 5.53
C LEU A 17 -3.85 1.27 6.74
N ARG A 18 -5.10 0.85 6.93
CA ARG A 18 -5.43 -0.09 7.99
C ARG A 18 -4.59 -1.35 7.90
N TYR A 19 -4.46 -1.88 6.69
CA TYR A 19 -3.68 -3.09 6.45
C TYR A 19 -2.25 -2.93 6.96
N LEU A 20 -1.60 -1.84 6.56
CA LEU A 20 -0.21 -1.62 6.90
C LEU A 20 -0.02 -1.41 8.40
N GLN A 21 -0.99 -0.76 9.02
CA GLN A 21 -0.93 -0.47 10.44
C GLN A 21 -1.09 -1.75 11.27
N GLU A 22 -1.99 -2.62 10.84
CA GLU A 22 -2.27 -3.86 11.55
C GLU A 22 -1.12 -4.85 11.38
N GLN A 23 -0.50 -4.85 10.21
CA GLN A 23 0.58 -5.77 9.91
C GLN A 23 1.89 -5.30 10.53
N ASN A 24 2.12 -4.00 10.49
CA ASN A 24 3.33 -3.41 11.03
C ASN A 24 4.57 -3.89 10.27
N ARG A 25 4.39 -4.16 8.98
CA ARG A 25 5.47 -4.68 8.15
C ARG A 25 5.49 -3.99 6.79
N PRO A 26 6.68 -3.85 6.22
CA PRO A 26 6.84 -3.26 4.90
C PRO A 26 6.35 -4.20 3.81
N TYR A 27 5.62 -3.65 2.85
CA TYR A 27 5.16 -4.43 1.70
C TYR A 27 5.36 -3.66 0.40
N SER A 28 5.78 -4.37 -0.63
CA SER A 28 5.99 -3.77 -1.95
C SER A 28 4.65 -3.38 -2.58
N ALA A 29 4.72 -2.58 -3.64
CA ALA A 29 3.54 -2.24 -4.43
C ALA A 29 2.80 -3.48 -4.89
N GLN A 30 3.57 -4.53 -5.20
CA GLN A 30 3.00 -5.79 -5.66
C GLN A 30 2.46 -6.61 -4.49
N ASP A 31 3.16 -6.54 -3.36
CA ASP A 31 2.73 -7.24 -2.16
C ASP A 31 1.35 -6.77 -1.71
N VAL A 32 1.19 -5.46 -1.61
CA VAL A 32 -0.06 -4.88 -1.12
C VAL A 32 -1.21 -5.19 -2.06
N PHE A 33 -0.98 -5.03 -3.35
CA PHE A 33 -1.99 -5.35 -4.36
C PHE A 33 -2.40 -6.82 -4.28
N GLY A 34 -1.41 -7.71 -4.40
CA GLY A 34 -1.67 -9.14 -4.45
C GLY A 34 -2.48 -9.59 -3.24
N ASN A 35 -2.11 -9.12 -2.06
CA ASN A 35 -2.73 -9.55 -0.83
C ASN A 35 -4.16 -9.02 -0.72
N LEU A 36 -4.35 -7.76 -1.12
CA LEU A 36 -5.65 -7.11 -1.00
C LEU A 36 -6.53 -7.41 -2.22
N GLN A 37 -5.92 -8.00 -3.24
CA GLN A 37 -6.65 -8.46 -4.41
C GLN A 37 -7.55 -9.65 -4.07
N LYS A 38 -7.04 -10.55 -3.23
CA LYS A 38 -7.77 -11.76 -2.87
C LYS A 38 -8.71 -11.49 -1.71
N GLU A 39 -8.32 -10.58 -0.82
CA GLU A 39 -9.08 -10.32 0.40
C GLU A 39 -10.23 -9.37 0.14
N HIS A 40 -9.94 -8.28 -0.55
CA HIS A 40 -10.91 -7.20 -0.73
C HIS A 40 -11.34 -7.08 -2.20
N GLY A 41 -10.40 -7.31 -3.10
CA GLY A 41 -10.69 -7.26 -4.53
C GLY A 41 -10.35 -5.89 -5.11
N LEU A 42 -9.29 -5.27 -4.59
CA LEU A 42 -8.85 -3.98 -5.07
C LEU A 42 -8.11 -4.11 -6.40
N GLY A 43 -8.27 -3.12 -7.26
CA GLY A 43 -7.62 -3.13 -8.57
C GLY A 43 -6.16 -2.71 -8.46
N LYS A 44 -5.38 -3.02 -9.48
CA LYS A 44 -3.95 -2.72 -9.49
C LYS A 44 -3.70 -1.21 -9.46
N ALA A 45 -4.37 -0.49 -10.36
CA ALA A 45 -4.25 0.96 -10.41
C ALA A 45 -4.79 1.59 -9.13
N ALA A 46 -5.87 1.01 -8.59
CA ALA A 46 -6.47 1.51 -7.37
C ALA A 46 -5.50 1.43 -6.20
N VAL A 47 -4.81 0.31 -6.07
CA VAL A 47 -3.87 0.09 -4.98
C VAL A 47 -2.64 0.99 -5.14
N VAL A 48 -2.07 1.00 -6.34
CA VAL A 48 -0.86 1.76 -6.61
C VAL A 48 -1.08 3.25 -6.40
N LYS A 49 -2.20 3.75 -6.90
CA LYS A 49 -2.55 5.16 -6.75
C LYS A 49 -2.88 5.49 -5.30
N ALA A 50 -3.52 4.56 -4.61
CA ALA A 50 -3.85 4.74 -3.20
C ALA A 50 -2.60 4.74 -2.33
N LEU A 51 -1.61 3.94 -2.72
CA LEU A 51 -0.33 3.90 -2.02
C LEU A 51 0.36 5.26 -2.07
N ASP A 52 0.38 5.87 -3.25
CA ASP A 52 0.94 7.20 -3.42
C ASP A 52 0.07 8.26 -2.76
N GLN A 53 -1.24 8.06 -2.81
CA GLN A 53 -2.18 8.98 -2.19
C GLN A 53 -1.96 9.08 -0.69
N LEU A 54 -1.78 7.94 -0.05
CA LEU A 54 -1.54 7.89 1.39
C LEU A 54 -0.22 8.55 1.75
N ALA A 55 0.81 8.27 0.96
CA ALA A 55 2.14 8.79 1.24
C ALA A 55 2.19 10.30 1.11
N GLN A 56 1.48 10.83 0.12
CA GLN A 56 1.43 12.27 -0.10
C GLN A 56 0.61 12.95 0.99
N GLU A 57 -0.34 12.23 1.56
CA GLU A 57 -1.15 12.75 2.66
C GLU A 57 -0.42 12.60 3.99
N GLY A 58 0.73 11.95 3.97
CA GLY A 58 1.56 11.81 5.15
C GLY A 58 1.01 10.74 6.10
N LYS A 59 0.28 9.79 5.53
CA LYS A 59 -0.32 8.72 6.32
C LYS A 59 0.57 7.50 6.38
N ILE A 60 1.28 7.24 5.28
CA ILE A 60 2.29 6.18 5.26
C ILE A 60 3.61 6.68 4.69
N LYS A 61 4.66 5.90 4.87
CA LYS A 61 5.97 6.22 4.30
C LYS A 61 6.26 5.36 3.08
N GLU A 62 7.17 5.83 2.25
CA GLU A 62 7.50 5.13 1.00
C GLU A 62 9.00 5.15 0.74
N LYS A 63 9.52 4.05 0.21
CA LYS A 63 10.92 3.98 -0.23
C LYS A 63 11.05 3.21 -1.53
N THR A 64 11.81 3.77 -2.46
CA THR A 64 12.02 3.14 -3.76
C THR A 64 13.28 2.30 -3.77
N TYR A 65 13.13 1.01 -4.07
CA TYR A 65 14.25 0.10 -4.09
C TYR A 65 14.49 -0.46 -5.49
N GLY A 66 15.29 0.26 -6.27
CA GLY A 66 15.56 -0.13 -7.65
C GLY A 66 14.37 0.20 -8.56
N LYS A 67 13.78 -0.84 -9.13
CA LYS A 67 12.64 -0.65 -10.04
C LYS A 67 11.33 -0.90 -9.32
N GLN A 68 11.41 -1.30 -8.06
CA GLN A 68 10.23 -1.59 -7.26
C GLN A 68 10.12 -0.65 -6.07
N LYS A 69 8.89 -0.31 -5.68
CA LYS A 69 8.65 0.56 -4.54
C LYS A 69 8.07 -0.22 -3.37
N ILE A 70 8.44 0.17 -2.16
CA ILE A 70 7.94 -0.49 -0.95
C ILE A 70 7.32 0.52 0.01
N TYR A 71 6.14 0.18 0.52
CA TYR A 71 5.39 1.11 1.36
C TYR A 71 5.15 0.52 2.74
N PHE A 72 5.06 1.40 3.74
CA PHE A 72 4.78 0.97 5.11
C PHE A 72 4.24 2.12 5.95
N ALA A 73 3.40 1.79 6.91
CA ALA A 73 2.84 2.79 7.82
C ALA A 73 3.77 3.07 8.99
N ASP A 74 3.81 4.32 9.43
CA ASP A 74 4.67 4.72 10.53
C ASP A 74 4.15 5.98 11.21
N GLY A 11 -12.42 3.27 -1.07
CA GLY A 11 -11.77 3.32 0.24
C GLY A 11 -10.53 2.45 0.28
N ALA A 12 -9.81 2.39 -0.84
CA ALA A 12 -8.61 1.57 -0.94
C ALA A 12 -7.52 2.08 -0.01
N PRO A 13 -7.36 3.39 0.04
CA PRO A 13 -6.37 4.01 0.93
C PRO A 13 -6.58 3.58 2.37
N GLY A 14 -7.84 3.51 2.78
CA GLY A 14 -8.18 3.11 4.14
C GLY A 14 -7.88 1.62 4.37
N ILE A 15 -8.19 0.80 3.38
CA ILE A 15 -7.92 -0.62 3.45
C ILE A 15 -6.43 -0.90 3.54
N ILE A 16 -5.66 -0.22 2.69
CA ILE A 16 -4.22 -0.46 2.59
C ILE A 16 -3.49 0.05 3.83
N LEU A 17 -3.84 1.25 4.26
CA LEU A 17 -3.25 1.82 5.46
C LEU A 17 -3.52 0.94 6.68
N ARG A 18 -4.78 0.57 6.87
CA ARG A 18 -5.15 -0.35 7.93
C ARG A 18 -4.36 -1.65 7.85
N TYR A 19 -4.25 -2.19 6.64
CA TYR A 19 -3.48 -3.41 6.41
C TYR A 19 -2.03 -3.25 6.89
N LEU A 20 -1.41 -2.14 6.50
CA LEU A 20 -0.01 -1.89 6.83
C LEU A 20 0.18 -1.74 8.33
N GLN A 21 -0.81 -1.14 8.98
CA GLN A 21 -0.75 -0.91 10.42
C GLN A 21 -0.93 -2.20 11.19
N GLU A 22 -1.85 -3.04 10.74
CA GLU A 22 -2.15 -4.30 11.42
C GLU A 22 -1.01 -5.29 11.26
N GLN A 23 -0.35 -5.25 10.11
CA GLN A 23 0.76 -6.16 9.83
C GLN A 23 2.06 -5.64 10.45
N ASN A 24 2.22 -4.32 10.46
CA ASN A 24 3.43 -3.70 10.99
C ASN A 24 4.65 -4.08 10.18
N ARG A 25 4.45 -4.33 8.89
CA ARG A 25 5.53 -4.76 8.00
C ARG A 25 5.46 -4.04 6.67
N PRO A 26 6.62 -3.83 6.05
CA PRO A 26 6.70 -3.16 4.75
C PRO A 26 6.27 -4.09 3.63
N TYR A 27 5.48 -3.55 2.70
CA TYR A 27 5.02 -4.33 1.54
C TYR A 27 5.13 -3.52 0.26
N SER A 28 5.47 -4.19 -0.84
CA SER A 28 5.52 -3.55 -2.14
C SER A 28 4.13 -3.30 -2.69
N ALA A 29 4.05 -2.59 -3.82
CA ALA A 29 2.79 -2.37 -4.50
C ALA A 29 2.16 -3.67 -4.95
N GLN A 30 3.01 -4.62 -5.34
CA GLN A 30 2.54 -5.94 -5.77
C GLN A 30 2.15 -6.80 -4.57
N ASP A 31 2.89 -6.65 -3.48
CA ASP A 31 2.56 -7.33 -2.23
C ASP A 31 1.18 -6.92 -1.73
N VAL A 32 0.94 -5.62 -1.67
CA VAL A 32 -0.33 -5.10 -1.17
C VAL A 32 -1.48 -5.50 -2.07
N PHE A 33 -1.30 -5.32 -3.38
CA PHE A 33 -2.32 -5.70 -4.35
C PHE A 33 -2.66 -7.18 -4.23
N GLY A 34 -1.65 -8.03 -4.34
CA GLY A 34 -1.86 -9.47 -4.37
C GLY A 34 -2.54 -9.96 -3.10
N ASN A 35 -2.13 -9.39 -1.97
CA ASN A 35 -2.63 -9.83 -0.67
C ASN A 35 -4.07 -9.37 -0.45
N LEU A 36 -4.39 -8.20 -0.99
CA LEU A 36 -5.73 -7.63 -0.83
C LEU A 36 -6.62 -7.96 -2.02
N GLN A 37 -6.05 -8.62 -3.02
CA GLN A 37 -6.78 -9.00 -4.21
C GLN A 37 -7.90 -9.98 -3.87
N LYS A 38 -7.59 -10.96 -3.03
CA LYS A 38 -8.54 -12.02 -2.71
C LYS A 38 -9.34 -11.68 -1.45
N GLU A 39 -8.90 -10.66 -0.73
CA GLU A 39 -9.51 -10.29 0.54
C GLU A 39 -10.51 -9.16 0.36
N HIS A 40 -10.21 -8.24 -0.56
CA HIS A 40 -11.02 -7.05 -0.75
C HIS A 40 -11.37 -6.88 -2.22
N GLY A 41 -10.44 -7.24 -3.10
CA GLY A 41 -10.68 -7.16 -4.54
C GLY A 41 -10.29 -5.80 -5.10
N LEU A 42 -9.25 -5.21 -4.51
CA LEU A 42 -8.75 -3.92 -4.97
C LEU A 42 -7.99 -4.07 -6.29
N GLY A 43 -8.19 -3.11 -7.18
CA GLY A 43 -7.53 -3.13 -8.49
C GLY A 43 -6.07 -2.71 -8.37
N LYS A 44 -5.27 -3.08 -9.37
CA LYS A 44 -3.85 -2.75 -9.37
C LYS A 44 -3.62 -1.24 -9.36
N ALA A 45 -4.32 -0.56 -10.27
CA ALA A 45 -4.22 0.90 -10.35
C ALA A 45 -4.77 1.57 -9.10
N ALA A 46 -5.82 0.96 -8.53
CA ALA A 46 -6.44 1.48 -7.31
C ALA A 46 -5.47 1.42 -6.14
N VAL A 47 -4.74 0.32 -6.03
CA VAL A 47 -3.76 0.14 -4.96
C VAL A 47 -2.60 1.12 -5.10
N VAL A 48 -2.07 1.24 -6.31
CA VAL A 48 -0.93 2.11 -6.57
C VAL A 48 -1.30 3.57 -6.35
N LYS A 49 -2.46 3.96 -6.84
CA LYS A 49 -2.94 5.33 -6.67
C LYS A 49 -3.29 5.61 -5.22
N ALA A 50 -3.80 4.60 -4.52
CA ALA A 50 -4.11 4.72 -3.10
C ALA A 50 -2.83 4.90 -2.28
N LEU A 51 -1.77 4.21 -2.68
CA LEU A 51 -0.47 4.36 -2.04
C LEU A 51 0.08 5.76 -2.24
N ASP A 52 -0.10 6.30 -3.45
CA ASP A 52 0.30 7.67 -3.73
C ASP A 52 -0.52 8.66 -2.93
N GLN A 53 -1.80 8.38 -2.77
CA GLN A 53 -2.69 9.21 -1.98
C GLN A 53 -2.29 9.21 -0.50
N LEU A 54 -1.98 8.04 0.03
CA LEU A 54 -1.57 7.91 1.41
C LEU A 54 -0.25 8.61 1.67
N ALA A 55 0.69 8.46 0.72
CA ALA A 55 1.99 9.10 0.83
C ALA A 55 1.86 10.62 0.79
N GLN A 56 0.97 11.11 -0.08
CA GLN A 56 0.71 12.54 -0.17
C GLN A 56 0.11 13.08 1.12
N GLU A 57 -0.70 12.26 1.78
CA GLU A 57 -1.36 12.65 3.02
C GLU A 57 -0.44 12.45 4.22
N GLY A 58 0.72 11.86 3.97
CA GLY A 58 1.74 11.71 5.00
C GLY A 58 1.36 10.60 5.98
N LYS A 59 0.64 9.60 5.49
CA LYS A 59 0.16 8.52 6.32
C LYS A 59 1.04 7.28 6.19
N ILE A 60 1.64 7.11 5.01
CA ILE A 60 2.61 6.06 4.79
C ILE A 60 3.92 6.62 4.26
N LYS A 61 5.00 5.85 4.38
CA LYS A 61 6.29 6.21 3.80
C LYS A 61 6.75 5.17 2.79
N GLU A 62 7.76 5.52 2.01
CA GLU A 62 8.24 4.65 0.94
C GLU A 62 9.76 4.59 0.92
N LYS A 63 10.30 3.42 0.57
CA LYS A 63 11.73 3.28 0.32
C LYS A 63 12.00 2.81 -1.10
N THR A 64 13.07 3.32 -1.69
CA THR A 64 13.42 3.01 -3.07
C THR A 64 14.36 1.81 -3.14
N TYR A 65 13.94 0.78 -3.88
CA TYR A 65 14.77 -0.40 -4.07
C TYR A 65 14.95 -0.71 -5.55
N GLY A 66 15.82 0.06 -6.19
CA GLY A 66 16.02 -0.06 -7.63
C GLY A 66 14.90 0.62 -8.42
N LYS A 67 14.18 -0.17 -9.20
CA LYS A 67 13.07 0.35 -10.00
C LYS A 67 11.74 0.21 -9.26
N GLN A 68 11.77 -0.52 -8.15
CA GLN A 68 10.56 -0.76 -7.36
C GLN A 68 10.62 -0.01 -6.04
N LYS A 69 9.45 0.23 -5.45
CA LYS A 69 9.37 0.86 -4.14
C LYS A 69 8.58 0.01 -3.16
N ILE A 70 8.91 0.13 -1.89
CA ILE A 70 8.19 -0.59 -0.83
C ILE A 70 7.60 0.37 0.19
N TYR A 71 6.34 0.14 0.55
CA TYR A 71 5.60 1.10 1.35
C TYR A 71 5.30 0.54 2.74
N PHE A 72 5.18 1.44 3.72
CA PHE A 72 4.79 1.04 5.07
C PHE A 72 4.12 2.20 5.80
N ALA A 73 3.22 1.88 6.72
CA ALA A 73 2.48 2.89 7.46
C ALA A 73 3.33 3.52 8.54
N ASP A 74 3.12 4.82 8.77
CA ASP A 74 3.88 5.55 9.78
C ASP A 74 3.27 6.92 10.04
N GLY A 11 -12.48 3.01 -1.69
CA GLY A 11 -11.86 3.20 -0.38
C GLY A 11 -10.59 2.38 -0.25
N ALA A 12 -9.80 2.33 -1.32
CA ALA A 12 -8.56 1.57 -1.33
C ALA A 12 -7.56 2.14 -0.34
N PRO A 13 -7.46 3.47 -0.30
CA PRO A 13 -6.55 4.14 0.63
C PRO A 13 -6.84 3.73 2.07
N GLY A 14 -8.12 3.62 2.40
CA GLY A 14 -8.53 3.24 3.75
C GLY A 14 -8.17 1.79 4.05
N ILE A 15 -8.40 0.92 3.07
CA ILE A 15 -8.08 -0.50 3.21
C ILE A 15 -6.59 -0.71 3.38
N ILE A 16 -5.80 -0.02 2.55
CA ILE A 16 -4.35 -0.18 2.57
C ILE A 16 -3.74 0.41 3.83
N LEU A 17 -4.23 1.58 4.23
CA LEU A 17 -3.74 2.24 5.43
C LEU A 17 -3.96 1.37 6.67
N ARG A 18 -5.16 0.82 6.79
CA ARG A 18 -5.47 -0.09 7.89
C ARG A 18 -4.63 -1.36 7.80
N TYR A 19 -4.48 -1.89 6.59
CA TYR A 19 -3.67 -3.08 6.36
C TYR A 19 -2.25 -2.89 6.87
N LEU A 20 -1.62 -1.79 6.45
CA LEU A 20 -0.23 -1.52 6.82
C LEU A 20 -0.10 -1.15 8.29
N GLN A 21 -1.15 -0.54 8.83
CA GLN A 21 -1.16 -0.15 10.24
C GLN A 21 -1.21 -1.38 11.14
N GLU A 22 -2.05 -2.34 10.78
CA GLU A 22 -2.22 -3.55 11.58
C GLU A 22 -1.04 -4.49 11.40
N GLN A 23 -0.49 -4.53 10.19
CA GLN A 23 0.65 -5.39 9.89
C GLN A 23 1.94 -4.84 10.48
N ASN A 24 2.12 -3.53 10.34
CA ASN A 24 3.36 -2.89 10.78
C ASN A 24 4.58 -3.53 10.14
N ARG A 25 4.50 -3.77 8.84
CA ARG A 25 5.58 -4.43 8.11
C ARG A 25 5.63 -3.96 6.66
N PRO A 26 6.83 -3.62 6.19
CA PRO A 26 7.01 -3.18 4.82
C PRO A 26 6.48 -4.19 3.83
N TYR A 27 5.61 -3.73 2.93
CA TYR A 27 5.17 -4.54 1.81
C TYR A 27 5.35 -3.79 0.49
N SER A 28 5.78 -4.51 -0.54
CA SER A 28 5.97 -3.92 -1.86
C SER A 28 4.65 -3.56 -2.51
N ALA A 29 4.71 -2.75 -3.56
CA ALA A 29 3.52 -2.44 -4.35
C ALA A 29 2.81 -3.70 -4.82
N GLN A 30 3.60 -4.73 -5.15
CA GLN A 30 3.05 -6.00 -5.60
C GLN A 30 2.51 -6.81 -4.43
N ASP A 31 3.19 -6.72 -3.29
CA ASP A 31 2.74 -7.40 -2.08
C ASP A 31 1.36 -6.91 -1.65
N VAL A 32 1.20 -5.60 -1.58
CA VAL A 32 -0.05 -5.00 -1.11
C VAL A 32 -1.20 -5.32 -2.06
N PHE A 33 -0.95 -5.17 -3.35
CA PHE A 33 -1.94 -5.48 -4.37
C PHE A 33 -2.40 -6.94 -4.27
N GLY A 34 -1.43 -7.85 -4.34
CA GLY A 34 -1.74 -9.28 -4.37
C GLY A 34 -2.47 -9.72 -3.11
N ASN A 35 -2.06 -9.17 -1.97
CA ASN A 35 -2.62 -9.57 -0.68
C ASN A 35 -4.04 -9.06 -0.53
N LEU A 36 -4.30 -7.87 -1.05
CA LEU A 36 -5.62 -7.25 -0.93
C LEU A 36 -6.49 -7.61 -2.13
N GLN A 37 -5.88 -8.22 -3.14
CA GLN A 37 -6.61 -8.68 -4.32
C GLN A 37 -7.58 -9.79 -3.96
N LYS A 38 -7.13 -10.72 -3.11
CA LYS A 38 -7.92 -11.88 -2.76
C LYS A 38 -8.84 -11.59 -1.58
N GLU A 39 -8.52 -10.54 -0.84
CA GLU A 39 -9.24 -10.23 0.39
C GLU A 39 -10.32 -9.18 0.15
N HIS A 40 -10.04 -8.25 -0.76
CA HIS A 40 -10.92 -7.11 -1.00
C HIS A 40 -11.25 -6.98 -2.48
N GLY A 41 -10.28 -7.29 -3.33
CA GLY A 41 -10.48 -7.25 -4.78
C GLY A 41 -10.17 -5.86 -5.33
N LEU A 42 -9.14 -5.23 -4.78
CA LEU A 42 -8.72 -3.91 -5.25
C LEU A 42 -7.97 -4.02 -6.57
N GLY A 43 -8.14 -3.02 -7.43
CA GLY A 43 -7.53 -3.01 -8.75
C GLY A 43 -6.07 -2.62 -8.67
N LYS A 44 -5.34 -2.85 -9.77
CA LYS A 44 -3.92 -2.54 -9.82
C LYS A 44 -3.67 -1.05 -9.66
N ALA A 45 -4.34 -0.25 -10.48
CA ALA A 45 -4.22 1.20 -10.42
C ALA A 45 -4.74 1.74 -9.10
N ALA A 46 -5.81 1.13 -8.59
CA ALA A 46 -6.41 1.56 -7.33
C ALA A 46 -5.41 1.45 -6.18
N VAL A 47 -4.73 0.32 -6.10
CA VAL A 47 -3.78 0.07 -5.03
C VAL A 47 -2.55 0.97 -5.16
N VAL A 48 -2.00 1.04 -6.36
CA VAL A 48 -0.78 1.80 -6.60
C VAL A 48 -1.01 3.29 -6.37
N LYS A 49 -2.11 3.81 -6.87
CA LYS A 49 -2.45 5.22 -6.70
C LYS A 49 -2.79 5.53 -5.26
N ALA A 50 -3.44 4.59 -4.59
CA ALA A 50 -3.78 4.75 -3.18
C ALA A 50 -2.53 4.77 -2.31
N LEU A 51 -1.55 3.95 -2.67
CA LEU A 51 -0.28 3.91 -1.96
C LEU A 51 0.44 5.25 -2.04
N ASP A 52 0.49 5.83 -3.23
CA ASP A 52 1.10 7.14 -3.43
C ASP A 52 0.25 8.24 -2.81
N GLN A 53 -1.06 8.07 -2.85
CA GLN A 53 -1.98 9.02 -2.24
C GLN A 53 -1.79 9.11 -0.73
N LEU A 54 -1.67 7.95 -0.09
CA LEU A 54 -1.46 7.89 1.34
C LEU A 54 -0.13 8.52 1.72
N ALA A 55 0.92 8.17 0.99
CA ALA A 55 2.26 8.69 1.26
C ALA A 55 2.31 10.19 1.03
N GLN A 56 1.55 10.67 0.04
CA GLN A 56 1.45 12.09 -0.24
C GLN A 56 0.78 12.85 0.90
N GLU A 57 -0.24 12.21 1.49
CA GLU A 57 -0.97 12.81 2.60
C GLU A 57 -0.20 12.70 3.90
N GLY A 58 0.76 11.77 3.94
CA GLY A 58 1.58 11.57 5.12
C GLY A 58 0.99 10.49 6.02
N LYS A 59 0.16 9.63 5.43
CA LYS A 59 -0.47 8.55 6.17
C LYS A 59 0.47 7.35 6.29
N ILE A 60 1.26 7.12 5.27
CA ILE A 60 2.25 6.05 5.28
C ILE A 60 3.61 6.53 4.76
N LYS A 61 4.65 5.74 5.01
CA LYS A 61 5.97 6.03 4.48
C LYS A 61 6.30 5.14 3.29
N GLU A 62 7.25 5.58 2.47
CA GLU A 62 7.58 4.87 1.24
C GLU A 62 9.08 4.85 1.01
N LYS A 63 9.57 3.76 0.41
CA LYS A 63 10.96 3.68 -0.01
C LYS A 63 11.07 3.17 -1.44
N THR A 64 12.04 3.70 -2.19
CA THR A 64 12.22 3.33 -3.58
C THR A 64 13.40 2.37 -3.73
N TYR A 65 13.14 1.21 -4.35
CA TYR A 65 14.17 0.21 -4.56
C TYR A 65 14.29 -0.15 -6.04
N GLY A 66 14.89 0.74 -6.81
CA GLY A 66 15.03 0.54 -8.26
C GLY A 66 13.72 0.75 -8.98
N LYS A 67 13.18 -0.31 -9.57
CA LYS A 67 11.92 -0.24 -10.29
C LYS A 67 10.76 -0.63 -9.39
N GLN A 68 11.07 -1.10 -8.19
CA GLN A 68 10.06 -1.49 -7.22
C GLN A 68 10.00 -0.52 -6.05
N LYS A 69 8.83 -0.40 -5.44
CA LYS A 69 8.66 0.45 -4.27
C LYS A 69 8.03 -0.33 -3.12
N ILE A 70 8.41 0.02 -1.89
CA ILE A 70 7.89 -0.65 -0.70
C ILE A 70 7.28 0.36 0.27
N TYR A 71 6.08 0.04 0.75
CA TYR A 71 5.33 0.98 1.58
C TYR A 71 5.05 0.39 2.96
N PHE A 72 4.96 1.27 3.96
CA PHE A 72 4.60 0.84 5.31
C PHE A 72 4.04 2.00 6.13
N ALA A 73 3.16 1.70 7.06
CA ALA A 73 2.57 2.72 7.92
C ALA A 73 3.47 3.00 9.12
N ASP A 74 3.49 4.27 9.54
CA ASP A 74 4.32 4.67 10.67
C ASP A 74 3.83 6.00 11.26
N GLY A 11 -11.88 4.09 -1.11
CA GLY A 11 -11.96 3.01 -0.13
C GLY A 11 -10.63 2.27 -0.01
N ALA A 12 -9.87 2.27 -1.09
CA ALA A 12 -8.60 1.53 -1.14
C ALA A 12 -7.59 2.11 -0.16
N PRO A 13 -7.52 3.44 -0.11
CA PRO A 13 -6.61 4.12 0.81
C PRO A 13 -6.85 3.69 2.25
N GLY A 14 -8.11 3.55 2.61
CA GLY A 14 -8.48 3.15 3.97
C GLY A 14 -8.12 1.70 4.23
N ILE A 15 -8.36 0.84 3.25
CA ILE A 15 -8.03 -0.57 3.35
C ILE A 15 -6.53 -0.77 3.48
N ILE A 16 -5.77 -0.07 2.65
CA ILE A 16 -4.32 -0.21 2.62
C ILE A 16 -3.68 0.35 3.89
N LEU A 17 -4.13 1.53 4.30
CA LEU A 17 -3.62 2.16 5.51
C LEU A 17 -3.84 1.28 6.72
N ARG A 18 -5.07 0.78 6.88
CA ARG A 18 -5.39 -0.14 7.96
C ARG A 18 -4.55 -1.41 7.86
N TYR A 19 -4.41 -1.93 6.65
CA TYR A 19 -3.61 -3.13 6.42
C TYR A 19 -2.19 -2.94 6.91
N LEU A 20 -1.56 -1.85 6.49
CA LEU A 20 -0.16 -1.60 6.79
C LEU A 20 0.07 -1.39 8.28
N GLN A 21 -0.90 -0.75 8.94
CA GLN A 21 -0.82 -0.49 10.37
C GLN A 21 -0.96 -1.79 11.18
N GLU A 22 -1.90 -2.63 10.77
CA GLU A 22 -2.17 -3.86 11.49
C GLU A 22 -1.04 -4.86 11.32
N GLN A 23 -0.42 -4.86 10.13
CA GLN A 23 0.68 -5.77 9.84
C GLN A 23 1.99 -5.24 10.42
N ASN A 24 2.18 -3.94 10.36
CA ASN A 24 3.39 -3.31 10.87
C ASN A 24 4.63 -3.83 10.15
N ARG A 25 4.47 -4.09 8.85
CA ARG A 25 5.57 -4.62 8.05
C ARG A 25 5.64 -3.93 6.69
N PRO A 26 6.84 -3.87 6.12
CA PRO A 26 7.04 -3.28 4.80
C PRO A 26 6.48 -4.17 3.70
N TYR A 27 5.73 -3.57 2.78
CA TYR A 27 5.21 -4.30 1.63
C TYR A 27 5.38 -3.49 0.35
N SER A 28 5.82 -4.16 -0.71
CA SER A 28 5.99 -3.51 -2.01
C SER A 28 4.64 -3.31 -2.70
N ALA A 29 4.63 -2.49 -3.75
CA ALA A 29 3.44 -2.29 -4.55
C ALA A 29 2.83 -3.61 -4.99
N GLN A 30 3.68 -4.60 -5.23
CA GLN A 30 3.24 -5.92 -5.66
C GLN A 30 2.64 -6.70 -4.50
N ASP A 31 3.18 -6.48 -3.30
CA ASP A 31 2.73 -7.19 -2.12
C ASP A 31 1.37 -6.69 -1.65
N VAL A 32 1.21 -5.37 -1.62
CA VAL A 32 -0.04 -4.76 -1.16
C VAL A 32 -1.19 -5.11 -2.08
N PHE A 33 -0.98 -4.97 -3.38
CA PHE A 33 -1.99 -5.35 -4.37
C PHE A 33 -2.30 -6.84 -4.29
N GLY A 34 -1.27 -7.67 -4.39
CA GLY A 34 -1.45 -9.11 -4.46
C GLY A 34 -2.24 -9.62 -3.26
N ASN A 35 -1.92 -9.09 -2.08
CA ASN A 35 -2.54 -9.54 -0.84
C ASN A 35 -3.99 -9.06 -0.73
N LEU A 36 -4.21 -7.81 -1.12
CA LEU A 36 -5.53 -7.20 -1.01
C LEU A 36 -6.39 -7.52 -2.23
N GLN A 37 -5.79 -8.15 -3.23
CA GLN A 37 -6.51 -8.59 -4.41
C GLN A 37 -7.46 -9.73 -4.07
N LYS A 38 -7.01 -10.65 -3.22
CA LYS A 38 -7.79 -11.83 -2.86
C LYS A 38 -8.67 -11.56 -1.65
N GLU A 39 -8.28 -10.59 -0.84
CA GLU A 39 -8.97 -10.31 0.41
C GLU A 39 -10.12 -9.32 0.21
N HIS A 40 -9.86 -8.30 -0.61
CA HIS A 40 -10.81 -7.21 -0.78
C HIS A 40 -11.23 -7.07 -2.24
N GLY A 41 -10.28 -7.33 -3.15
CA GLY A 41 -10.56 -7.28 -4.58
C GLY A 41 -10.24 -5.91 -5.15
N LEU A 42 -9.22 -5.26 -4.59
CA LEU A 42 -8.80 -3.95 -5.06
C LEU A 42 -8.05 -4.05 -6.38
N GLY A 43 -8.30 -3.09 -7.26
CA GLY A 43 -7.63 -3.07 -8.57
C GLY A 43 -6.18 -2.61 -8.44
N LYS A 44 -5.37 -2.94 -9.43
CA LYS A 44 -3.95 -2.62 -9.40
C LYS A 44 -3.73 -1.11 -9.42
N ALA A 45 -4.44 -0.42 -10.31
CA ALA A 45 -4.36 1.03 -10.39
C ALA A 45 -4.89 1.68 -9.13
N ALA A 46 -5.93 1.08 -8.55
CA ALA A 46 -6.53 1.60 -7.32
C ALA A 46 -5.55 1.51 -6.16
N VAL A 47 -4.85 0.38 -6.06
CA VAL A 47 -3.89 0.16 -4.99
C VAL A 47 -2.69 1.09 -5.12
N VAL A 48 -2.11 1.12 -6.32
CA VAL A 48 -0.92 1.93 -6.58
C VAL A 48 -1.21 3.41 -6.37
N LYS A 49 -2.35 3.87 -6.89
CA LYS A 49 -2.79 5.25 -6.70
C LYS A 49 -3.01 5.55 -5.22
N ALA A 50 -3.65 4.64 -4.52
CA ALA A 50 -3.94 4.82 -3.10
C ALA A 50 -2.66 4.84 -2.28
N LEU A 51 -1.67 4.06 -2.70
CA LEU A 51 -0.39 4.01 -2.02
C LEU A 51 0.32 5.36 -2.08
N ASP A 52 0.24 6.01 -3.23
CA ASP A 52 0.85 7.32 -3.41
C ASP A 52 -0.03 8.41 -2.80
N GLN A 53 -1.34 8.19 -2.79
CA GLN A 53 -2.28 9.11 -2.17
C GLN A 53 -2.05 9.18 -0.67
N LEU A 54 -1.86 8.02 -0.05
CA LEU A 54 -1.61 7.95 1.39
C LEU A 54 -0.28 8.61 1.74
N ALA A 55 0.75 8.31 0.95
CA ALA A 55 2.08 8.88 1.18
C ALA A 55 2.06 10.40 0.99
N GLN A 56 1.25 10.86 0.04
CA GLN A 56 1.08 12.28 -0.21
C GLN A 56 0.40 12.98 0.97
N GLU A 57 -0.58 12.31 1.55
CA GLU A 57 -1.31 12.85 2.69
C GLU A 57 -0.50 12.75 3.97
N GLY A 58 0.48 11.84 3.97
CA GLY A 58 1.36 11.67 5.12
C GLY A 58 0.83 10.57 6.05
N LYS A 59 0.05 9.66 5.49
CA LYS A 59 -0.51 8.56 6.27
C LYS A 59 0.47 7.40 6.36
N ILE A 60 1.25 7.20 5.30
CA ILE A 60 2.26 6.15 5.28
C ILE A 60 3.58 6.68 4.72
N LYS A 61 4.64 5.88 4.89
CA LYS A 61 5.94 6.23 4.33
C LYS A 61 6.27 5.37 3.12
N GLU A 62 7.20 5.85 2.30
CA GLU A 62 7.53 5.17 1.04
C GLU A 62 9.03 5.19 0.79
N LYS A 63 9.51 4.17 0.09
CA LYS A 63 10.91 4.12 -0.33
C LYS A 63 11.06 3.38 -1.65
N THR A 64 12.21 3.55 -2.30
CA THR A 64 12.48 2.91 -3.58
C THR A 64 13.39 1.70 -3.40
N TYR A 65 12.94 0.55 -3.90
CA TYR A 65 13.74 -0.67 -3.84
C TYR A 65 13.93 -1.26 -5.24
N GLY A 66 15.12 -1.09 -5.80
CA GLY A 66 15.39 -1.54 -7.16
C GLY A 66 14.57 -0.77 -8.18
N LYS A 67 13.73 -1.49 -8.92
CA LYS A 67 12.85 -0.87 -9.90
C LYS A 67 11.43 -0.72 -9.35
N GLN A 68 11.23 -1.15 -8.11
CA GLN A 68 9.91 -1.14 -7.49
C GLN A 68 9.87 -0.18 -6.31
N LYS A 69 8.68 0.03 -5.76
CA LYS A 69 8.50 0.86 -4.58
C LYS A 69 7.98 0.06 -3.40
N ILE A 70 8.42 0.41 -2.20
CA ILE A 70 7.95 -0.24 -0.98
C ILE A 70 7.25 0.76 -0.07
N TYR A 71 6.09 0.37 0.46
CA TYR A 71 5.32 1.24 1.33
C TYR A 71 5.10 0.60 2.69
N PHE A 72 5.03 1.43 3.72
CA PHE A 72 4.82 0.94 5.09
C PHE A 72 4.26 2.03 5.99
N ALA A 73 3.48 1.64 6.98
CA ALA A 73 2.91 2.58 7.94
C ALA A 73 3.92 2.91 9.05
N ASP A 74 3.88 4.15 9.51
CA ASP A 74 4.78 4.60 10.57
C ASP A 74 4.26 5.86 11.24
N GLY A 11 -11.95 3.99 -0.93
CA GLY A 11 -11.99 2.92 0.06
C GLY A 11 -10.65 2.20 0.16
N ALA A 12 -9.92 2.19 -0.95
CA ALA A 12 -8.66 1.46 -1.02
C ALA A 12 -7.62 2.05 -0.06
N PRO A 13 -7.56 3.38 -0.02
CA PRO A 13 -6.63 4.06 0.87
C PRO A 13 -6.83 3.64 2.32
N GLY A 14 -8.09 3.49 2.72
CA GLY A 14 -8.42 3.08 4.08
C GLY A 14 -8.05 1.62 4.32
N ILE A 15 -8.30 0.77 3.34
CA ILE A 15 -7.97 -0.65 3.44
C ILE A 15 -6.46 -0.84 3.54
N ILE A 16 -5.72 -0.10 2.72
CA ILE A 16 -4.27 -0.23 2.68
C ILE A 16 -3.63 0.31 3.96
N LEU A 17 -4.09 1.47 4.41
CA LEU A 17 -3.60 2.07 5.64
C LEU A 17 -3.81 1.15 6.83
N ARG A 18 -5.02 0.61 6.93
CA ARG A 18 -5.34 -0.35 7.99
C ARG A 18 -4.49 -1.60 7.87
N TYR A 19 -4.34 -2.09 6.64
CA TYR A 19 -3.52 -3.27 6.38
C TYR A 19 -2.10 -3.08 6.88
N LEU A 20 -1.49 -1.96 6.51
CA LEU A 20 -0.11 -1.68 6.88
C LEU A 20 0.02 -1.42 8.37
N GLN A 21 -1.02 -0.84 8.96
CA GLN A 21 -1.03 -0.53 10.38
C GLN A 21 -1.08 -1.80 11.22
N GLU A 22 -1.94 -2.73 10.81
CA GLU A 22 -2.15 -3.96 11.57
C GLU A 22 -0.98 -4.92 11.39
N GLN A 23 -0.43 -4.95 10.19
CA GLN A 23 0.70 -5.83 9.88
C GLN A 23 2.00 -5.28 10.45
N ASN A 24 2.15 -3.96 10.38
CA ASN A 24 3.35 -3.31 10.89
C ASN A 24 4.60 -3.81 10.17
N ARG A 25 4.46 -4.09 8.88
CA ARG A 25 5.57 -4.60 8.08
C ARG A 25 5.63 -3.93 6.72
N PRO A 26 6.83 -3.82 6.16
CA PRO A 26 7.01 -3.25 4.83
C PRO A 26 6.50 -4.19 3.75
N TYR A 27 5.73 -3.65 2.81
CA TYR A 27 5.25 -4.42 1.67
C TYR A 27 5.44 -3.65 0.37
N SER A 28 5.86 -4.37 -0.67
CA SER A 28 6.05 -3.75 -1.98
C SER A 28 4.72 -3.38 -2.62
N ALA A 29 4.78 -2.59 -3.68
CA ALA A 29 3.59 -2.25 -4.46
C ALA A 29 2.86 -3.50 -4.93
N GLN A 30 3.64 -4.54 -5.24
CA GLN A 30 3.07 -5.80 -5.69
C GLN A 30 2.53 -6.61 -4.53
N ASP A 31 3.22 -6.54 -3.39
CA ASP A 31 2.77 -7.22 -2.17
C ASP A 31 1.39 -6.72 -1.75
N VAL A 32 1.25 -5.40 -1.67
CA VAL A 32 0.01 -4.79 -1.19
C VAL A 32 -1.16 -5.10 -2.12
N PHE A 33 -0.93 -4.93 -3.42
CA PHE A 33 -1.94 -5.25 -4.42
C PHE A 33 -2.35 -6.71 -4.36
N GLY A 34 -1.37 -7.60 -4.51
CA GLY A 34 -1.64 -9.03 -4.59
C GLY A 34 -2.40 -9.52 -3.37
N ASN A 35 -2.00 -9.05 -2.19
CA ASN A 35 -2.59 -9.49 -0.94
C ASN A 35 -4.02 -8.99 -0.80
N LEU A 36 -4.23 -7.72 -1.13
CA LEU A 36 -5.54 -7.09 -0.99
C LEU A 36 -6.43 -7.40 -2.19
N GLN A 37 -5.85 -7.95 -3.24
CA GLN A 37 -6.60 -8.42 -4.39
C GLN A 37 -7.43 -9.65 -4.04
N LYS A 38 -6.85 -10.54 -3.23
CA LYS A 38 -7.51 -11.78 -2.86
C LYS A 38 -8.45 -11.58 -1.68
N GLU A 39 -8.12 -10.63 -0.83
CA GLU A 39 -8.85 -10.41 0.41
C GLU A 39 -10.03 -9.47 0.20
N HIS A 40 -9.78 -8.38 -0.50
CA HIS A 40 -10.77 -7.31 -0.65
C HIS A 40 -11.23 -7.18 -2.10
N GLY A 41 -10.30 -7.41 -3.03
CA GLY A 41 -10.62 -7.36 -4.45
C GLY A 41 -10.32 -5.99 -5.04
N LEU A 42 -9.29 -5.33 -4.50
CA LEU A 42 -8.90 -4.02 -4.98
C LEU A 42 -8.18 -4.10 -6.32
N GLY A 43 -8.41 -3.12 -7.18
CA GLY A 43 -7.79 -3.09 -8.50
C GLY A 43 -6.34 -2.63 -8.42
N LYS A 44 -5.58 -2.89 -9.48
CA LYS A 44 -4.17 -2.54 -9.50
C LYS A 44 -3.97 -1.03 -9.45
N ALA A 45 -4.69 -0.32 -10.31
CA ALA A 45 -4.63 1.14 -10.34
C ALA A 45 -5.15 1.73 -9.03
N ALA A 46 -6.17 1.11 -8.47
CA ALA A 46 -6.76 1.55 -7.22
C ALA A 46 -5.74 1.50 -6.08
N VAL A 47 -5.01 0.38 -6.00
CA VAL A 47 -4.02 0.19 -4.95
C VAL A 47 -2.84 1.13 -5.13
N VAL A 48 -2.32 1.18 -6.35
CA VAL A 48 -1.13 1.98 -6.64
C VAL A 48 -1.39 3.46 -6.40
N LYS A 49 -2.54 3.95 -6.88
CA LYS A 49 -2.92 5.33 -6.69
C LYS A 49 -3.18 5.65 -5.22
N ALA A 50 -3.80 4.70 -4.52
CA ALA A 50 -4.06 4.84 -3.10
C ALA A 50 -2.77 4.88 -2.29
N LEU A 51 -1.80 4.07 -2.72
CA LEU A 51 -0.49 4.03 -2.07
C LEU A 51 0.20 5.39 -2.16
N ASP A 52 0.19 5.97 -3.36
CA ASP A 52 0.81 7.27 -3.58
C ASP A 52 0.02 8.38 -2.90
N GLN A 53 -1.29 8.24 -2.86
CA GLN A 53 -2.16 9.20 -2.18
C GLN A 53 -1.88 9.22 -0.68
N LEU A 54 -1.82 8.05 -0.07
CA LEU A 54 -1.56 7.93 1.36
C LEU A 54 -0.22 8.55 1.73
N ALA A 55 0.81 8.25 0.94
CA ALA A 55 2.13 8.78 1.19
C ALA A 55 2.16 10.30 1.01
N GLN A 56 1.39 10.79 0.05
CA GLN A 56 1.26 12.23 -0.17
C GLN A 56 0.51 12.91 0.97
N GLU A 57 -0.49 12.21 1.49
CA GLU A 57 -1.28 12.73 2.60
C GLU A 57 -0.52 12.65 3.92
N GLY A 58 0.51 11.81 3.94
CA GLY A 58 1.39 11.73 5.10
C GLY A 58 0.92 10.64 6.06
N LYS A 59 0.17 9.67 5.54
CA LYS A 59 -0.38 8.61 6.36
C LYS A 59 0.53 7.39 6.38
N ILE A 60 1.21 7.16 5.26
CA ILE A 60 2.23 6.11 5.19
C ILE A 60 3.55 6.65 4.64
N LYS A 61 4.61 5.88 4.82
CA LYS A 61 5.90 6.22 4.25
C LYS A 61 6.22 5.35 3.04
N GLU A 62 7.16 5.80 2.22
CA GLU A 62 7.51 5.10 0.99
C GLU A 62 9.01 5.11 0.75
N LYS A 63 9.50 4.07 0.08
CA LYS A 63 10.91 4.01 -0.30
C LYS A 63 11.09 3.26 -1.61
N THR A 64 12.23 3.47 -2.25
CA THR A 64 12.52 2.82 -3.53
C THR A 64 13.45 1.63 -3.35
N TYR A 65 13.02 0.46 -3.83
CA TYR A 65 13.85 -0.73 -3.78
C TYR A 65 14.20 -1.21 -5.18
N GLY A 66 15.37 -0.80 -5.66
CA GLY A 66 15.80 -1.10 -7.02
C GLY A 66 14.91 -0.41 -8.04
N LYS A 67 14.15 -1.19 -8.79
CA LYS A 67 13.20 -0.65 -9.76
C LYS A 67 11.79 -0.67 -9.22
N GLN A 68 11.63 -1.16 -8.00
CA GLN A 68 10.31 -1.31 -7.38
C GLN A 68 10.12 -0.32 -6.25
N LYS A 69 8.89 -0.22 -5.75
CA LYS A 69 8.58 0.65 -4.63
C LYS A 69 8.05 -0.16 -3.44
N ILE A 70 8.41 0.28 -2.23
CA ILE A 70 7.92 -0.36 -1.01
C ILE A 70 7.24 0.64 -0.11
N TYR A 71 6.08 0.25 0.42
CA TYR A 71 5.28 1.14 1.26
C TYR A 71 5.07 0.54 2.64
N PHE A 72 4.98 1.41 3.65
CA PHE A 72 4.75 0.97 5.02
C PHE A 72 4.20 2.11 5.88
N ALA A 73 3.37 1.76 6.85
CA ALA A 73 2.81 2.75 7.76
C ALA A 73 3.76 3.05 8.91
N ASP A 74 3.78 4.30 9.36
CA ASP A 74 4.64 4.72 10.44
C ASP A 74 4.15 6.01 11.09
N GLY A 11 -12.42 2.85 -1.62
CA GLY A 11 -11.81 3.06 -0.30
C GLY A 11 -10.55 2.25 -0.14
N ALA A 12 -9.73 2.21 -1.18
CA ALA A 12 -8.49 1.45 -1.16
C ALA A 12 -7.51 2.01 -0.14
N PRO A 13 -7.42 3.34 -0.09
CA PRO A 13 -6.54 4.01 0.86
C PRO A 13 -6.79 3.54 2.28
N GLY A 14 -8.07 3.45 2.66
CA GLY A 14 -8.45 3.03 3.99
C GLY A 14 -8.07 1.57 4.24
N ILE A 15 -8.31 0.72 3.25
CA ILE A 15 -7.97 -0.70 3.34
C ILE A 15 -6.47 -0.89 3.50
N ILE A 16 -5.69 -0.19 2.69
CA ILE A 16 -4.24 -0.34 2.69
C ILE A 16 -3.62 0.23 3.95
N LEU A 17 -4.11 1.38 4.38
CA LEU A 17 -3.63 2.02 5.60
C LEU A 17 -3.76 1.10 6.79
N ARG A 18 -4.97 0.60 7.02
CA ARG A 18 -5.23 -0.30 8.13
C ARG A 18 -4.47 -1.62 7.97
N TYR A 19 -4.34 -2.07 6.73
CA TYR A 19 -3.54 -3.25 6.43
C TYR A 19 -2.11 -3.09 6.94
N LEU A 20 -1.50 -1.97 6.60
CA LEU A 20 -0.10 -1.72 6.96
C LEU A 20 0.05 -1.58 8.47
N GLN A 21 -0.96 -1.00 9.11
CA GLN A 21 -0.94 -0.78 10.55
C GLN A 21 -1.06 -2.11 11.30
N GLU A 22 -1.92 -2.99 10.81
CA GLU A 22 -2.16 -4.28 11.45
C GLU A 22 -0.96 -5.20 11.30
N GLN A 23 -0.32 -5.16 10.13
CA GLN A 23 0.83 -6.00 9.86
C GLN A 23 2.09 -5.42 10.48
N ASN A 24 2.20 -4.10 10.50
CA ASN A 24 3.35 -3.43 11.05
C ASN A 24 4.63 -3.82 10.31
N ARG A 25 4.51 -4.05 9.01
CA ARG A 25 5.64 -4.48 8.19
C ARG A 25 5.64 -3.77 6.84
N PRO A 26 6.83 -3.58 6.27
CA PRO A 26 6.95 -2.99 4.95
C PRO A 26 6.52 -3.96 3.86
N TYR A 27 5.75 -3.46 2.90
CA TYR A 27 5.32 -4.27 1.77
C TYR A 27 5.46 -3.51 0.46
N SER A 28 5.88 -4.20 -0.59
CA SER A 28 6.03 -3.60 -1.90
C SER A 28 4.68 -3.29 -2.53
N ALA A 29 4.69 -2.48 -3.59
CA ALA A 29 3.49 -2.22 -4.36
C ALA A 29 2.84 -3.53 -4.83
N GLN A 30 3.67 -4.52 -5.15
CA GLN A 30 3.18 -5.82 -5.59
C GLN A 30 2.66 -6.64 -4.42
N ASP A 31 3.33 -6.53 -3.28
CA ASP A 31 2.92 -7.23 -2.07
C ASP A 31 1.52 -6.79 -1.65
N VAL A 32 1.30 -5.49 -1.58
CA VAL A 32 0.03 -4.95 -1.11
C VAL A 32 -1.10 -5.31 -2.05
N PHE A 33 -0.89 -5.10 -3.35
CA PHE A 33 -1.86 -5.47 -4.36
C PHE A 33 -2.21 -6.95 -4.29
N GLY A 34 -1.18 -7.79 -4.34
CA GLY A 34 -1.38 -9.23 -4.42
C GLY A 34 -2.19 -9.74 -3.23
N ASN A 35 -1.87 -9.23 -2.04
CA ASN A 35 -2.51 -9.70 -0.82
C ASN A 35 -3.94 -9.21 -0.71
N LEU A 36 -4.18 -7.98 -1.19
CA LEU A 36 -5.50 -7.38 -1.12
C LEU A 36 -6.32 -7.67 -2.36
N GLN A 37 -5.69 -8.32 -3.34
CA GLN A 37 -6.38 -8.72 -4.56
C GLN A 37 -7.42 -9.81 -4.26
N LYS A 38 -7.03 -10.77 -3.43
CA LYS A 38 -7.90 -11.91 -3.14
C LYS A 38 -8.82 -11.61 -1.95
N GLU A 39 -8.39 -10.70 -1.09
CA GLU A 39 -9.11 -10.41 0.14
C GLU A 39 -10.20 -9.38 -0.09
N HIS A 40 -9.88 -8.36 -0.86
CA HIS A 40 -10.80 -7.23 -1.05
C HIS A 40 -11.15 -7.05 -2.53
N GLY A 41 -10.20 -7.33 -3.39
CA GLY A 41 -10.43 -7.25 -4.83
C GLY A 41 -10.06 -5.88 -5.37
N LEU A 42 -9.03 -5.27 -4.79
CA LEU A 42 -8.56 -3.96 -5.22
C LEU A 42 -7.80 -4.06 -6.53
N GLY A 43 -7.97 -3.06 -7.39
CA GLY A 43 -7.33 -3.06 -8.70
C GLY A 43 -5.88 -2.58 -8.61
N LYS A 44 -5.13 -2.79 -9.69
CA LYS A 44 -3.72 -2.41 -9.71
C LYS A 44 -3.55 -0.91 -9.56
N ALA A 45 -4.27 -0.15 -10.38
CA ALA A 45 -4.23 1.31 -10.32
C ALA A 45 -4.79 1.83 -9.00
N ALA A 46 -5.81 1.15 -8.49
CA ALA A 46 -6.44 1.54 -7.23
C ALA A 46 -5.45 1.45 -6.08
N VAL A 47 -4.69 0.36 -6.03
CA VAL A 47 -3.72 0.15 -4.96
C VAL A 47 -2.55 1.13 -5.07
N VAL A 48 -2.02 1.26 -6.28
CA VAL A 48 -0.85 2.09 -6.52
C VAL A 48 -1.16 3.56 -6.24
N LYS A 49 -2.32 4.02 -6.73
CA LYS A 49 -2.75 5.39 -6.53
C LYS A 49 -3.10 5.65 -5.06
N ALA A 50 -3.67 4.65 -4.40
CA ALA A 50 -4.00 4.74 -2.99
C ALA A 50 -2.74 4.81 -2.14
N LEU A 51 -1.71 4.07 -2.55
CA LEU A 51 -0.42 4.11 -1.87
C LEU A 51 0.22 5.48 -1.94
N ASP A 52 0.19 6.07 -3.14
CA ASP A 52 0.72 7.42 -3.34
C ASP A 52 -0.16 8.47 -2.66
N GLN A 53 -1.46 8.19 -2.60
CA GLN A 53 -2.39 9.07 -1.92
C GLN A 53 -2.12 9.12 -0.42
N LEU A 54 -1.90 7.95 0.18
CA LEU A 54 -1.60 7.86 1.60
C LEU A 54 -0.26 8.54 1.92
N ALA A 55 0.71 8.33 1.05
CA ALA A 55 2.02 8.94 1.22
C ALA A 55 1.94 10.46 1.11
N GLN A 56 1.12 10.94 0.18
CA GLN A 56 0.88 12.37 0.02
C GLN A 56 0.20 12.95 1.24
N GLU A 57 -0.66 12.17 1.86
CA GLU A 57 -1.39 12.61 3.05
C GLU A 57 -0.53 12.48 4.30
N GLY A 58 0.66 11.91 4.14
CA GLY A 58 1.62 11.82 5.23
C GLY A 58 1.22 10.75 6.23
N LYS A 59 0.54 9.71 5.73
CA LYS A 59 0.08 8.62 6.59
C LYS A 59 1.00 7.41 6.50
N ILE A 60 1.53 7.18 5.29
CA ILE A 60 2.53 6.13 5.09
C ILE A 60 3.79 6.69 4.44
N LYS A 61 4.89 5.98 4.59
CA LYS A 61 6.14 6.35 3.94
C LYS A 61 6.52 5.39 2.84
N GLU A 62 7.40 5.81 1.94
CA GLU A 62 7.77 5.02 0.78
C GLU A 62 9.27 5.03 0.56
N LYS A 63 9.79 3.93 0.02
CA LYS A 63 11.19 3.87 -0.41
C LYS A 63 11.34 3.00 -1.64
N THR A 64 12.01 3.53 -2.66
CA THR A 64 12.22 2.81 -3.91
C THR A 64 13.17 1.64 -3.71
N TYR A 65 12.72 0.44 -4.07
CA TYR A 65 13.53 -0.76 -3.96
C TYR A 65 13.55 -1.53 -5.28
N GLY A 66 14.66 -1.42 -6.01
CA GLY A 66 14.77 -2.05 -7.32
C GLY A 66 13.98 -1.29 -8.37
N LYS A 67 12.94 -1.92 -8.90
CA LYS A 67 12.12 -1.31 -9.94
C LYS A 67 10.77 -0.88 -9.39
N GLN A 68 10.47 -1.31 -8.16
CA GLN A 68 9.21 -0.97 -7.52
C GLN A 68 9.45 -0.19 -6.23
N LYS A 69 8.37 0.28 -5.62
CA LYS A 69 8.44 0.97 -4.34
C LYS A 69 7.94 0.10 -3.20
N ILE A 70 8.50 0.29 -2.02
CA ILE A 70 7.99 -0.36 -0.81
C ILE A 70 7.36 0.66 0.13
N TYR A 71 6.18 0.32 0.64
CA TYR A 71 5.42 1.24 1.48
C TYR A 71 5.23 0.68 2.88
N PHE A 72 5.15 1.58 3.86
CA PHE A 72 4.86 1.18 5.24
C PHE A 72 4.23 2.33 6.02
N ALA A 73 3.39 1.98 6.98
CA ALA A 73 2.64 2.99 7.74
C ALA A 73 3.56 3.70 8.74
N ASP A 74 3.30 4.98 8.96
CA ASP A 74 4.10 5.78 9.89
C ASP A 74 3.36 7.03 10.32
N GLY A 11 -11.80 4.23 -0.57
CA GLY A 11 -11.84 3.12 0.39
C GLY A 11 -10.53 2.35 0.41
N ALA A 12 -9.83 2.36 -0.72
CA ALA A 12 -8.60 1.59 -0.86
C ALA A 12 -7.51 2.10 0.06
N PRO A 13 -7.40 3.42 0.15
CA PRO A 13 -6.43 4.06 1.03
C PRO A 13 -6.61 3.59 2.47
N GLY A 14 -7.86 3.48 2.90
CA GLY A 14 -8.16 3.03 4.25
C GLY A 14 -7.81 1.56 4.44
N ILE A 15 -8.07 0.76 3.40
CA ILE A 15 -7.76 -0.66 3.44
C ILE A 15 -6.25 -0.89 3.52
N ILE A 16 -5.51 -0.16 2.71
CA ILE A 16 -4.06 -0.32 2.65
C ILE A 16 -3.40 0.14 3.95
N LEU A 17 -3.79 1.31 4.42
CA LEU A 17 -3.24 1.85 5.66
C LEU A 17 -3.53 0.94 6.85
N ARG A 18 -4.79 0.56 6.99
CA ARG A 18 -5.19 -0.38 8.03
C ARG A 18 -4.40 -1.68 7.92
N TYR A 19 -4.27 -2.19 6.71
CA TYR A 19 -3.49 -3.41 6.47
C TYR A 19 -2.06 -3.26 6.98
N LEU A 20 -1.41 -2.16 6.59
CA LEU A 20 -0.01 -1.94 6.93
C LEU A 20 0.17 -1.79 8.44
N GLN A 21 -0.82 -1.18 9.08
CA GLN A 21 -0.77 -0.95 10.53
C GLN A 21 -0.99 -2.25 11.29
N GLU A 22 -1.90 -3.08 10.81
CA GLU A 22 -2.23 -4.33 11.47
C GLU A 22 -1.09 -5.34 11.34
N GLN A 23 -0.40 -5.29 10.20
CA GLN A 23 0.71 -6.19 9.95
C GLN A 23 2.00 -5.67 10.59
N ASN A 24 2.16 -4.36 10.60
CA ASN A 24 3.35 -3.73 11.17
C ASN A 24 4.60 -4.10 10.38
N ARG A 25 4.41 -4.36 9.09
CA ARG A 25 5.52 -4.77 8.23
C ARG A 25 5.48 -4.07 6.88
N PRO A 26 6.65 -3.81 6.32
CA PRO A 26 6.75 -3.20 5.00
C PRO A 26 6.37 -4.18 3.90
N TYR A 27 5.62 -3.70 2.92
CA TYR A 27 5.24 -4.52 1.78
C TYR A 27 5.41 -3.75 0.47
N SER A 28 5.89 -4.45 -0.56
CA SER A 28 6.08 -3.83 -1.87
C SER A 28 4.75 -3.44 -2.49
N ALA A 29 4.80 -2.58 -3.50
CA ALA A 29 3.60 -2.21 -4.24
C ALA A 29 2.88 -3.44 -4.77
N GLN A 30 3.64 -4.46 -5.14
CA GLN A 30 3.08 -5.69 -5.67
C GLN A 30 2.53 -6.58 -4.57
N ASP A 31 3.21 -6.58 -3.42
CA ASP A 31 2.76 -7.35 -2.26
C ASP A 31 1.46 -6.80 -1.71
N VAL A 32 1.35 -5.48 -1.64
CA VAL A 32 0.13 -4.84 -1.16
C VAL A 32 -1.04 -5.11 -2.08
N PHE A 33 -0.83 -4.93 -3.37
CA PHE A 33 -1.85 -5.22 -4.38
C PHE A 33 -2.26 -6.69 -4.33
N GLY A 34 -1.28 -7.57 -4.47
CA GLY A 34 -1.55 -9.00 -4.56
C GLY A 34 -2.36 -9.49 -3.37
N ASN A 35 -1.97 -9.06 -2.18
CA ASN A 35 -2.62 -9.50 -0.95
C ASN A 35 -4.04 -8.95 -0.84
N LEU A 36 -4.19 -7.68 -1.19
CA LEU A 36 -5.49 -7.01 -1.08
C LEU A 36 -6.35 -7.27 -2.30
N GLN A 37 -5.76 -7.90 -3.31
CA GLN A 37 -6.52 -8.37 -4.47
C GLN A 37 -7.35 -9.60 -4.12
N LYS A 38 -6.79 -10.47 -3.28
CA LYS A 38 -7.47 -11.70 -2.88
C LYS A 38 -8.41 -11.44 -1.71
N GLU A 39 -8.01 -10.52 -0.83
CA GLU A 39 -8.76 -10.27 0.40
C GLU A 39 -9.91 -9.30 0.15
N HIS A 40 -9.59 -8.15 -0.43
CA HIS A 40 -10.56 -7.06 -0.53
C HIS A 40 -10.98 -6.85 -1.98
N GLY A 41 -10.15 -7.32 -2.91
CA GLY A 41 -10.49 -7.28 -4.33
C GLY A 41 -10.14 -5.93 -4.95
N LEU A 42 -9.12 -5.29 -4.42
CA LEU A 42 -8.67 -3.99 -4.92
C LEU A 42 -7.94 -4.14 -6.24
N GLY A 43 -8.17 -3.20 -7.16
CA GLY A 43 -7.51 -3.21 -8.45
C GLY A 43 -6.10 -2.64 -8.36
N LYS A 44 -5.29 -2.91 -9.38
CA LYS A 44 -3.90 -2.50 -9.38
C LYS A 44 -3.77 -0.98 -9.37
N ALA A 45 -4.51 -0.34 -10.26
CA ALA A 45 -4.52 1.12 -10.33
C ALA A 45 -5.06 1.74 -9.05
N ALA A 46 -6.06 1.09 -8.47
CA ALA A 46 -6.67 1.57 -7.24
C ALA A 46 -5.68 1.54 -6.08
N VAL A 47 -4.91 0.46 -6.00
CA VAL A 47 -3.93 0.30 -4.93
C VAL A 47 -2.80 1.30 -5.09
N VAL A 48 -2.27 1.42 -6.30
CA VAL A 48 -1.14 2.30 -6.57
C VAL A 48 -1.52 3.75 -6.35
N LYS A 49 -2.69 4.13 -6.81
CA LYS A 49 -3.19 5.49 -6.62
C LYS A 49 -3.50 5.76 -5.15
N ALA A 50 -3.98 4.73 -4.45
CA ALA A 50 -4.25 4.84 -3.02
C ALA A 50 -2.95 4.98 -2.23
N LEU A 51 -1.90 4.32 -2.70
CA LEU A 51 -0.58 4.43 -2.08
C LEU A 51 -0.04 5.85 -2.23
N ASP A 52 -0.24 6.44 -3.40
CA ASP A 52 0.13 7.84 -3.62
C ASP A 52 -0.73 8.77 -2.78
N GLN A 53 -2.01 8.46 -2.68
CA GLN A 53 -2.92 9.25 -1.86
C GLN A 53 -2.47 9.27 -0.40
N LEU A 54 -2.15 8.10 0.13
CA LEU A 54 -1.70 7.98 1.52
C LEU A 54 -0.37 8.69 1.73
N ALA A 55 0.52 8.58 0.75
CA ALA A 55 1.84 9.20 0.84
C ALA A 55 1.74 10.71 0.88
N GLN A 56 0.82 11.26 0.09
CA GLN A 56 0.59 12.71 0.06
C GLN A 56 -0.07 13.19 1.35
N GLU A 57 -0.94 12.35 1.90
CA GLU A 57 -1.57 12.65 3.19
C GLU A 57 -0.58 12.55 4.34
N GLY A 58 0.44 11.72 4.16
CA GLY A 58 1.44 11.52 5.20
C GLY A 58 1.09 10.34 6.10
N LYS A 59 0.29 9.43 5.58
CA LYS A 59 -0.14 8.26 6.34
C LYS A 59 0.87 7.13 6.24
N ILE A 60 1.49 7.00 5.07
CA ILE A 60 2.49 5.96 4.85
C ILE A 60 3.76 6.53 4.28
N LYS A 61 4.86 5.79 4.40
CA LYS A 61 6.12 6.16 3.76
C LYS A 61 6.51 5.15 2.68
N GLU A 62 7.42 5.55 1.81
CA GLU A 62 7.84 4.72 0.69
C GLU A 62 9.33 4.83 0.43
N LYS A 63 9.95 3.72 0.03
CA LYS A 63 11.34 3.74 -0.40
C LYS A 63 11.53 2.91 -1.66
N THR A 64 12.41 3.38 -2.54
CA THR A 64 12.66 2.70 -3.81
C THR A 64 13.75 1.63 -3.66
N TYR A 65 13.37 0.39 -3.92
CA TYR A 65 14.33 -0.72 -3.87
C TYR A 65 14.52 -1.35 -5.24
N GLY A 66 15.56 -0.92 -5.95
CA GLY A 66 15.80 -1.38 -7.31
C GLY A 66 14.83 -0.72 -8.29
N LYS A 67 14.02 -1.55 -8.94
CA LYS A 67 13.02 -1.06 -9.89
C LYS A 67 11.64 -0.99 -9.27
N GLN A 68 11.53 -1.47 -8.03
CA GLN A 68 10.25 -1.49 -7.33
C GLN A 68 10.28 -0.59 -6.11
N LYS A 69 9.11 -0.37 -5.52
CA LYS A 69 8.99 0.44 -4.31
C LYS A 69 8.32 -0.34 -3.18
N ILE A 70 8.69 -0.03 -1.95
CA ILE A 70 8.08 -0.67 -0.79
C ILE A 70 7.42 0.36 0.12
N TYR A 71 6.21 0.04 0.57
CA TYR A 71 5.42 0.98 1.35
C TYR A 71 5.14 0.44 2.75
N PHE A 72 5.07 1.34 3.73
CA PHE A 72 4.74 0.96 5.10
C PHE A 72 4.10 2.12 5.85
N ALA A 73 3.24 1.80 6.82
CA ALA A 73 2.52 2.80 7.57
C ALA A 73 3.43 3.52 8.57
N ASP A 74 3.20 4.81 8.75
CA ASP A 74 4.00 5.61 9.67
C ASP A 74 3.48 7.03 9.77
N GLY A 11 -11.80 4.21 -0.85
CA GLY A 11 -11.89 3.14 0.13
C GLY A 11 -10.60 2.35 0.21
N ALA A 12 -9.87 2.31 -0.90
CA ALA A 12 -8.64 1.53 -0.99
C ALA A 12 -7.58 2.07 -0.03
N PRO A 13 -7.45 3.39 0.01
CA PRO A 13 -6.49 4.04 0.90
C PRO A 13 -6.70 3.61 2.36
N GLY A 14 -7.97 3.51 2.75
CA GLY A 14 -8.32 3.11 4.11
C GLY A 14 -7.97 1.65 4.35
N ILE A 15 -8.25 0.81 3.36
CA ILE A 15 -7.93 -0.61 3.45
C ILE A 15 -6.42 -0.83 3.54
N ILE A 16 -5.68 -0.12 2.71
CA ILE A 16 -4.23 -0.28 2.65
C ILE A 16 -3.57 0.26 3.92
N LEU A 17 -4.00 1.44 4.36
CA LEU A 17 -3.46 2.05 5.57
C LEU A 17 -3.66 1.15 6.79
N ARG A 18 -4.89 0.66 6.95
CA ARG A 18 -5.21 -0.23 8.07
C ARG A 18 -4.46 -1.54 7.95
N TYR A 19 -4.30 -2.03 6.73
CA TYR A 19 -3.51 -3.24 6.47
C TYR A 19 -2.07 -3.06 6.95
N LEU A 20 -1.45 -1.95 6.56
CA LEU A 20 -0.05 -1.70 6.86
C LEU A 20 0.17 -1.52 8.36
N GLN A 21 -0.82 -0.92 9.02
CA GLN A 21 -0.74 -0.68 10.46
C GLN A 21 -0.89 -1.99 11.23
N GLU A 22 -1.85 -2.81 10.82
CA GLU A 22 -2.14 -4.07 11.50
C GLU A 22 -0.99 -5.05 11.33
N GLN A 23 -0.35 -5.03 10.18
CA GLN A 23 0.78 -5.92 9.90
C GLN A 23 2.07 -5.37 10.48
N ASN A 24 2.22 -4.04 10.43
CA ASN A 24 3.41 -3.39 10.95
C ASN A 24 4.65 -3.85 10.21
N ARG A 25 4.51 -4.10 8.91
CA ARG A 25 5.62 -4.59 8.10
C ARG A 25 5.64 -3.90 6.74
N PRO A 26 6.84 -3.78 6.17
CA PRO A 26 6.99 -3.19 4.85
C PRO A 26 6.49 -4.13 3.76
N TYR A 27 5.75 -3.59 2.81
CA TYR A 27 5.27 -4.37 1.67
C TYR A 27 5.46 -3.62 0.36
N SER A 28 5.85 -4.35 -0.67
CA SER A 28 6.03 -3.76 -2.00
C SER A 28 4.69 -3.40 -2.63
N ALA A 29 4.73 -2.62 -3.69
CA ALA A 29 3.54 -2.30 -4.46
C ALA A 29 2.82 -3.57 -4.91
N GLN A 30 3.59 -4.59 -5.23
CA GLN A 30 3.03 -5.87 -5.66
C GLN A 30 2.50 -6.68 -4.48
N ASP A 31 3.20 -6.59 -3.35
CA ASP A 31 2.75 -7.25 -2.13
C ASP A 31 1.38 -6.76 -1.70
N VAL A 32 1.23 -5.44 -1.63
CA VAL A 32 -0.02 -4.84 -1.16
C VAL A 32 -1.18 -5.16 -2.08
N PHE A 33 -0.96 -5.01 -3.38
CA PHE A 33 -1.97 -5.32 -4.38
C PHE A 33 -2.38 -6.78 -4.31
N GLY A 34 -1.40 -7.68 -4.45
CA GLY A 34 -1.66 -9.11 -4.52
C GLY A 34 -2.44 -9.58 -3.30
N ASN A 35 -2.04 -9.10 -2.12
CA ASN A 35 -2.64 -9.54 -0.87
C ASN A 35 -4.06 -9.03 -0.73
N LEU A 36 -4.28 -7.77 -1.10
CA LEU A 36 -5.57 -7.13 -0.95
C LEU A 36 -6.47 -7.42 -2.15
N GLN A 37 -5.89 -7.98 -3.20
CA GLN A 37 -6.65 -8.42 -4.37
C GLN A 37 -7.54 -9.62 -4.02
N LYS A 38 -6.99 -10.53 -3.22
CA LYS A 38 -7.70 -11.76 -2.87
C LYS A 38 -8.63 -11.54 -1.69
N GLU A 39 -8.28 -10.58 -0.84
CA GLU A 39 -9.01 -10.37 0.41
C GLU A 39 -10.15 -9.38 0.22
N HIS A 40 -9.90 -8.32 -0.55
CA HIS A 40 -10.85 -7.23 -0.70
C HIS A 40 -11.30 -7.07 -2.15
N GLY A 41 -10.36 -7.29 -3.08
CA GLY A 41 -10.67 -7.23 -4.49
C GLY A 41 -10.30 -5.87 -5.08
N LEU A 42 -9.27 -5.25 -4.52
CA LEU A 42 -8.82 -3.95 -5.00
C LEU A 42 -8.09 -4.06 -6.32
N GLY A 43 -8.30 -3.08 -7.20
CA GLY A 43 -7.66 -3.07 -8.51
C GLY A 43 -6.21 -2.63 -8.41
N LYS A 44 -5.43 -2.93 -9.44
CA LYS A 44 -4.01 -2.60 -9.45
C LYS A 44 -3.79 -1.09 -9.44
N ALA A 45 -4.49 -0.39 -10.33
CA ALA A 45 -4.41 1.07 -10.38
C ALA A 45 -4.96 1.69 -9.09
N ALA A 46 -5.98 1.07 -8.52
CA ALA A 46 -6.58 1.55 -7.29
C ALA A 46 -5.59 1.50 -6.14
N VAL A 47 -4.87 0.38 -6.03
CA VAL A 47 -3.91 0.19 -4.97
C VAL A 47 -2.72 1.13 -5.12
N VAL A 48 -2.20 1.22 -6.34
CA VAL A 48 -1.03 2.04 -6.61
C VAL A 48 -1.32 3.52 -6.37
N LYS A 49 -2.48 3.96 -6.85
CA LYS A 49 -2.89 5.35 -6.67
C LYS A 49 -3.21 5.64 -5.20
N ALA A 50 -3.78 4.65 -4.52
CA ALA A 50 -4.09 4.78 -3.10
C ALA A 50 -2.82 4.86 -2.26
N LEU A 51 -1.79 4.12 -2.66
CA LEU A 51 -0.51 4.16 -2.00
C LEU A 51 0.12 5.55 -2.08
N ASP A 52 0.06 6.15 -3.26
CA ASP A 52 0.58 7.50 -3.47
C ASP A 52 -0.30 8.53 -2.76
N GLN A 53 -1.60 8.27 -2.73
CA GLN A 53 -2.54 9.15 -2.05
C GLN A 53 -2.28 9.18 -0.54
N LEU A 54 -2.00 8.01 0.02
CA LEU A 54 -1.69 7.90 1.44
C LEU A 54 -0.38 8.61 1.76
N ALA A 55 0.64 8.37 0.94
CA ALA A 55 1.94 8.99 1.13
C ALA A 55 1.85 10.51 1.01
N GLN A 56 0.98 10.98 0.13
CA GLN A 56 0.77 12.41 -0.07
C GLN A 56 0.18 13.04 1.18
N GLU A 57 -0.69 12.29 1.87
CA GLU A 57 -1.37 12.81 3.05
C GLU A 57 -0.54 12.59 4.31
N GLY A 58 0.57 11.86 4.16
CA GLY A 58 1.46 11.59 5.28
C GLY A 58 0.95 10.44 6.13
N LYS A 59 0.18 9.55 5.52
CA LYS A 59 -0.37 8.40 6.22
C LYS A 59 0.62 7.24 6.22
N ILE A 60 1.38 7.12 5.13
CA ILE A 60 2.39 6.07 5.02
C ILE A 60 3.70 6.63 4.47
N LYS A 61 4.78 5.87 4.63
CA LYS A 61 6.06 6.23 4.05
C LYS A 61 6.41 5.32 2.88
N GLU A 62 7.37 5.73 2.06
CA GLU A 62 7.73 4.99 0.86
C GLU A 62 9.24 4.94 0.68
N LYS A 63 9.74 3.83 0.16
CA LYS A 63 11.16 3.70 -0.17
C LYS A 63 11.34 3.03 -1.53
N THR A 64 12.43 3.39 -2.20
CA THR A 64 12.74 2.80 -3.51
C THR A 64 13.73 1.65 -3.36
N TYR A 65 13.33 0.47 -3.82
CA TYR A 65 14.20 -0.71 -3.77
C TYR A 65 14.44 -1.26 -5.18
N GLY A 66 15.60 -0.94 -5.74
CA GLY A 66 15.88 -1.25 -7.13
C GLY A 66 15.01 -0.44 -8.08
N LYS A 67 14.10 -1.12 -8.77
CA LYS A 67 13.11 -0.45 -9.61
C LYS A 67 11.71 -0.61 -9.03
N GLN A 68 11.63 -1.10 -7.80
CA GLN A 68 10.35 -1.39 -7.17
C GLN A 68 10.06 -0.41 -6.04
N LYS A 69 8.77 -0.18 -5.79
CA LYS A 69 8.36 0.69 -4.68
C LYS A 69 7.91 -0.14 -3.47
N ILE A 70 8.36 0.27 -2.29
CA ILE A 70 7.94 -0.38 -1.05
C ILE A 70 7.30 0.62 -0.11
N TYR A 71 6.12 0.27 0.41
CA TYR A 71 5.36 1.17 1.27
C TYR A 71 5.14 0.55 2.65
N PHE A 72 5.04 1.41 3.66
CA PHE A 72 4.76 0.96 5.01
C PHE A 72 4.14 2.08 5.84
N ALA A 73 3.43 1.69 6.90
CA ALA A 73 2.68 2.65 7.71
C ALA A 73 3.60 3.66 8.38
N ASP A 74 3.19 4.92 8.42
CA ASP A 74 3.96 5.96 9.06
C ASP A 74 3.95 5.82 10.58
N GLY A 11 -12.50 3.05 -1.14
CA GLY A 11 -11.78 3.26 0.10
C GLY A 11 -10.51 2.41 0.15
N ALA A 12 -9.77 2.39 -0.96
CA ALA A 12 -8.55 1.60 -1.04
C ALA A 12 -7.49 2.12 -0.07
N PRO A 13 -7.36 3.44 0.00
CA PRO A 13 -6.41 4.06 0.92
C PRO A 13 -6.65 3.62 2.35
N GLY A 14 -7.92 3.51 2.73
CA GLY A 14 -8.28 3.09 4.08
C GLY A 14 -7.94 1.62 4.31
N ILE A 15 -8.20 0.79 3.29
CA ILE A 15 -7.90 -0.63 3.36
C ILE A 15 -6.39 -0.86 3.49
N ILE A 16 -5.63 -0.15 2.67
CA ILE A 16 -4.18 -0.33 2.64
C ILE A 16 -3.52 0.18 3.90
N LEU A 17 -3.95 1.36 4.35
CA LEU A 17 -3.43 1.96 5.58
C LEU A 17 -3.68 1.03 6.77
N ARG A 18 -4.93 0.62 6.95
CA ARG A 18 -5.28 -0.34 7.99
C ARG A 18 -4.44 -1.62 7.86
N TYR A 19 -4.33 -2.11 6.64
CA TYR A 19 -3.53 -3.30 6.37
C TYR A 19 -2.10 -3.14 6.88
N LEU A 20 -1.47 -2.02 6.52
CA LEU A 20 -0.07 -1.78 6.86
C LEU A 20 0.11 -1.62 8.35
N GLN A 21 -0.88 -1.02 9.01
CA GLN A 21 -0.81 -0.77 10.44
C GLN A 21 -0.97 -2.07 11.22
N GLU A 22 -1.91 -2.91 10.80
CA GLU A 22 -2.19 -4.16 11.48
C GLU A 22 -1.05 -5.15 11.32
N GLN A 23 -0.42 -5.12 10.15
CA GLN A 23 0.72 -6.00 9.88
C GLN A 23 2.00 -5.45 10.47
N ASN A 24 2.13 -4.12 10.48
CA ASN A 24 3.30 -3.48 11.03
C ASN A 24 4.58 -3.91 10.31
N ARG A 25 4.47 -4.14 9.01
CA ARG A 25 5.60 -4.59 8.22
C ARG A 25 5.62 -3.90 6.85
N PRO A 26 6.82 -3.73 6.30
CA PRO A 26 6.98 -3.14 4.97
C PRO A 26 6.53 -4.12 3.88
N TYR A 27 5.76 -3.61 2.93
CA TYR A 27 5.32 -4.42 1.80
C TYR A 27 5.48 -3.67 0.48
N SER A 28 5.90 -4.40 -0.55
CA SER A 28 6.07 -3.81 -1.88
C SER A 28 4.73 -3.46 -2.51
N ALA A 29 4.76 -2.67 -3.57
CA ALA A 29 3.56 -2.36 -4.34
C ALA A 29 2.87 -3.65 -4.81
N GLN A 30 3.67 -4.66 -5.11
CA GLN A 30 3.14 -5.95 -5.56
C GLN A 30 2.61 -6.75 -4.38
N ASP A 31 3.29 -6.65 -3.25
CA ASP A 31 2.85 -7.33 -2.02
C ASP A 31 1.46 -6.85 -1.60
N VAL A 32 1.30 -5.53 -1.57
CA VAL A 32 0.04 -4.94 -1.09
C VAL A 32 -1.11 -5.30 -2.02
N PHE A 33 -0.91 -5.10 -3.32
CA PHE A 33 -1.92 -5.45 -4.31
C PHE A 33 -2.27 -6.94 -4.25
N GLY A 34 -1.24 -7.78 -4.28
CA GLY A 34 -1.44 -9.22 -4.37
C GLY A 34 -2.34 -9.73 -3.26
N ASN A 35 -2.09 -9.26 -2.03
CA ASN A 35 -2.84 -9.71 -0.87
C ASN A 35 -4.25 -9.12 -0.85
N LEU A 36 -4.35 -7.85 -1.21
CA LEU A 36 -5.62 -7.14 -1.16
C LEU A 36 -6.44 -7.38 -2.43
N GLN A 37 -5.84 -8.07 -3.39
CA GLN A 37 -6.54 -8.48 -4.60
C GLN A 37 -7.57 -9.56 -4.30
N LYS A 38 -7.22 -10.45 -3.38
CA LYS A 38 -8.08 -11.59 -3.05
C LYS A 38 -8.94 -11.30 -1.82
N GLU A 39 -8.38 -10.56 -0.88
CA GLU A 39 -9.05 -10.29 0.39
C GLU A 39 -10.17 -9.28 0.23
N HIS A 40 -9.90 -8.23 -0.54
CA HIS A 40 -10.84 -7.12 -0.67
C HIS A 40 -11.28 -6.94 -2.12
N GLY A 41 -10.36 -7.16 -3.05
CA GLY A 41 -10.67 -7.10 -4.47
C GLY A 41 -10.24 -5.78 -5.08
N LEU A 42 -9.17 -5.20 -4.55
CA LEU A 42 -8.66 -3.93 -5.04
C LEU A 42 -7.91 -4.11 -6.35
N GLY A 43 -8.07 -3.14 -7.25
CA GLY A 43 -7.46 -3.22 -8.58
C GLY A 43 -6.02 -2.71 -8.56
N LYS A 44 -5.32 -2.86 -9.68
CA LYS A 44 -3.93 -2.46 -9.77
C LYS A 44 -3.78 -0.95 -9.63
N ALA A 45 -4.59 -0.21 -10.39
CA ALA A 45 -4.58 1.25 -10.31
C ALA A 45 -5.04 1.74 -8.94
N ALA A 46 -6.06 1.07 -8.41
CA ALA A 46 -6.62 1.45 -7.11
C ALA A 46 -5.57 1.39 -6.01
N VAL A 47 -4.81 0.30 -5.98
CA VAL A 47 -3.81 0.09 -4.95
C VAL A 47 -2.63 1.06 -5.11
N VAL A 48 -2.11 1.14 -6.33
CA VAL A 48 -0.93 1.96 -6.60
C VAL A 48 -1.21 3.43 -6.35
N LYS A 49 -2.37 3.89 -6.81
CA LYS A 49 -2.77 5.28 -6.63
C LYS A 49 -3.07 5.58 -5.16
N ALA A 50 -3.65 4.60 -4.48
CA ALA A 50 -3.96 4.74 -3.06
C ALA A 50 -2.69 4.78 -2.21
N LEU A 51 -1.68 4.02 -2.64
CA LEU A 51 -0.38 4.01 -1.97
C LEU A 51 0.27 5.38 -2.02
N ASP A 52 0.26 6.00 -3.19
CA ASP A 52 0.80 7.35 -3.36
C ASP A 52 -0.09 8.38 -2.67
N GLN A 53 -1.40 8.15 -2.71
CA GLN A 53 -2.35 9.01 -2.02
C GLN A 53 -2.03 9.10 -0.53
N LEU A 54 -1.82 7.94 0.09
CA LEU A 54 -1.52 7.88 1.51
C LEU A 54 -0.19 8.55 1.82
N ALA A 55 0.81 8.32 0.98
CA ALA A 55 2.14 8.86 1.18
C ALA A 55 2.13 10.39 1.11
N GLN A 56 1.32 10.93 0.20
CA GLN A 56 1.20 12.37 0.04
C GLN A 56 0.41 12.98 1.20
N GLU A 57 -0.57 12.25 1.71
CA GLU A 57 -1.34 12.68 2.87
C GLU A 57 -0.50 12.65 4.13
N GLY A 58 0.48 11.74 4.17
CA GLY A 58 1.36 11.62 5.32
C GLY A 58 0.91 10.49 6.23
N LYS A 59 0.16 9.54 5.68
CA LYS A 59 -0.32 8.39 6.44
C LYS A 59 0.71 7.26 6.43
N ILE A 60 1.41 7.11 5.31
CA ILE A 60 2.43 6.09 5.17
C ILE A 60 3.72 6.66 4.61
N LYS A 61 4.80 5.91 4.73
CA LYS A 61 6.07 6.29 4.12
C LYS A 61 6.40 5.38 2.94
N GLU A 62 7.30 5.85 2.07
CA GLU A 62 7.61 5.14 0.85
C GLU A 62 9.11 5.17 0.56
N LYS A 63 9.60 4.12 -0.10
CA LYS A 63 10.98 4.10 -0.57
C LYS A 63 11.12 3.19 -1.79
N THR A 64 11.80 3.69 -2.82
CA THR A 64 12.03 2.92 -4.04
C THR A 64 13.27 2.05 -3.90
N TYR A 65 13.08 0.74 -4.09
CA TYR A 65 14.20 -0.20 -4.04
C TYR A 65 14.45 -0.85 -5.39
N GLY A 66 15.41 -0.30 -6.14
CA GLY A 66 15.69 -0.77 -7.49
C GLY A 66 14.66 -0.28 -8.48
N LYS A 67 13.82 -1.19 -8.97
CA LYS A 67 12.78 -0.84 -9.92
C LYS A 67 11.40 -0.90 -9.27
N GLN A 68 11.34 -1.44 -8.06
CA GLN A 68 10.08 -1.58 -7.33
C GLN A 68 10.03 -0.62 -6.15
N LYS A 69 8.81 -0.36 -5.67
CA LYS A 69 8.61 0.51 -4.52
C LYS A 69 8.06 -0.26 -3.33
N ILE A 70 8.47 0.13 -2.13
CA ILE A 70 7.97 -0.48 -0.91
C ILE A 70 7.33 0.56 0.01
N TYR A 71 6.17 0.22 0.56
CA TYR A 71 5.43 1.14 1.41
C TYR A 71 5.22 0.56 2.80
N PHE A 72 5.13 1.44 3.79
CA PHE A 72 4.81 1.02 5.15
C PHE A 72 4.18 2.16 5.94
N ALA A 73 3.31 1.81 6.89
CA ALA A 73 2.57 2.81 7.65
C ALA A 73 3.46 3.47 8.69
N ASP A 74 3.23 4.76 8.93
CA ASP A 74 4.01 5.52 9.90
C ASP A 74 3.33 6.84 10.24
N GLY A 11 -11.80 4.38 -0.83
CA GLY A 11 -11.88 3.32 0.17
C GLY A 11 -10.60 2.51 0.23
N ALA A 12 -9.89 2.46 -0.88
CA ALA A 12 -8.68 1.66 -0.98
C ALA A 12 -7.59 2.19 -0.05
N PRO A 13 -7.45 3.51 -0.01
CA PRO A 13 -6.47 4.14 0.87
C PRO A 13 -6.68 3.74 2.32
N GLY A 14 -7.94 3.67 2.73
CA GLY A 14 -8.28 3.28 4.09
C GLY A 14 -7.97 1.82 4.35
N ILE A 15 -8.25 0.98 3.36
CA ILE A 15 -7.96 -0.44 3.46
C ILE A 15 -6.46 -0.70 3.56
N ILE A 16 -5.69 -0.01 2.72
CA ILE A 16 -4.25 -0.19 2.66
C ILE A 16 -3.58 0.32 3.94
N LEU A 17 -3.97 1.51 4.37
CA LEU A 17 -3.43 2.10 5.59
C LEU A 17 -3.68 1.20 6.79
N ARG A 18 -4.94 0.83 6.98
CA ARG A 18 -5.32 -0.10 8.04
C ARG A 18 -4.52 -1.40 7.94
N TYR A 19 -4.42 -1.93 6.73
CA TYR A 19 -3.67 -3.16 6.49
C TYR A 19 -2.23 -3.04 6.97
N LEU A 20 -1.56 -1.96 6.57
CA LEU A 20 -0.16 -1.77 6.87
C LEU A 20 0.05 -1.61 8.38
N GLN A 21 -0.90 -0.97 9.05
CA GLN A 21 -0.82 -0.75 10.48
C GLN A 21 -1.03 -2.03 11.26
N GLU A 22 -1.97 -2.85 10.79
CA GLU A 22 -2.29 -4.11 11.46
C GLU A 22 -1.16 -5.12 11.30
N GLN A 23 -0.50 -5.09 10.15
CA GLN A 23 0.59 -6.01 9.85
C GLN A 23 1.89 -5.55 10.48
N ASN A 24 2.11 -4.24 10.47
CA ASN A 24 3.33 -3.66 11.03
C ASN A 24 4.56 -4.11 10.25
N ARG A 25 4.37 -4.35 8.96
CA ARG A 25 5.46 -4.84 8.11
C ARG A 25 5.47 -4.12 6.77
N PRO A 26 6.66 -3.98 6.19
CA PRO A 26 6.82 -3.33 4.89
C PRO A 26 6.32 -4.25 3.77
N TYR A 27 5.62 -3.66 2.82
CA TYR A 27 5.15 -4.41 1.64
C TYR A 27 5.39 -3.62 0.36
N SER A 28 5.82 -4.32 -0.69
CA SER A 28 6.03 -3.69 -1.98
C SER A 28 4.72 -3.28 -2.62
N ALA A 29 4.82 -2.46 -3.68
CA ALA A 29 3.65 -2.09 -4.46
C ALA A 29 2.90 -3.32 -4.96
N GLN A 30 3.64 -4.37 -5.26
CA GLN A 30 3.05 -5.62 -5.75
C GLN A 30 2.50 -6.45 -4.60
N ASP A 31 3.19 -6.41 -3.46
CA ASP A 31 2.74 -7.13 -2.27
C ASP A 31 1.37 -6.65 -1.82
N VAL A 32 1.21 -5.33 -1.72
CA VAL A 32 -0.02 -4.74 -1.22
C VAL A 32 -1.20 -5.09 -2.11
N PHE A 33 -1.00 -4.95 -3.42
CA PHE A 33 -2.04 -5.29 -4.40
C PHE A 33 -2.40 -6.76 -4.32
N GLY A 34 -1.39 -7.62 -4.46
CA GLY A 34 -1.62 -9.06 -4.52
C GLY A 34 -2.39 -9.55 -3.31
N ASN A 35 -2.05 -9.02 -2.14
CA ASN A 35 -2.66 -9.45 -0.89
C ASN A 35 -4.09 -8.93 -0.77
N LEU A 36 -4.29 -7.67 -1.16
CA LEU A 36 -5.60 -7.04 -1.04
C LEU A 36 -6.46 -7.31 -2.27
N GLN A 37 -5.88 -7.97 -3.26
CA GLN A 37 -6.63 -8.42 -4.43
C GLN A 37 -7.55 -9.58 -4.07
N LYS A 38 -7.07 -10.47 -3.22
CA LYS A 38 -7.86 -11.63 -2.81
C LYS A 38 -8.57 -11.37 -1.48
N GLU A 39 -8.05 -10.43 -0.71
CA GLU A 39 -8.60 -10.14 0.61
C GLU A 39 -9.84 -9.24 0.50
N HIS A 40 -9.72 -8.16 -0.25
CA HIS A 40 -10.79 -7.17 -0.35
C HIS A 40 -11.32 -7.09 -1.78
N GLY A 41 -10.42 -7.25 -2.75
CA GLY A 41 -10.80 -7.22 -4.16
C GLY A 41 -10.41 -5.90 -4.81
N LEU A 42 -9.34 -5.29 -4.30
CA LEU A 42 -8.88 -4.00 -4.83
C LEU A 42 -8.16 -4.17 -6.15
N GLY A 43 -8.38 -3.23 -7.06
CA GLY A 43 -7.75 -3.28 -8.38
C GLY A 43 -6.31 -2.76 -8.32
N LYS A 44 -5.55 -3.05 -9.38
CA LYS A 44 -4.14 -2.69 -9.41
C LYS A 44 -3.95 -1.18 -9.42
N ALA A 45 -4.67 -0.50 -10.29
CA ALA A 45 -4.62 0.96 -10.36
C ALA A 45 -5.14 1.59 -9.09
N ALA A 46 -6.17 0.98 -8.50
CA ALA A 46 -6.73 1.47 -7.25
C ALA A 46 -5.73 1.43 -6.12
N VAL A 47 -5.00 0.33 -6.02
CA VAL A 47 -4.02 0.15 -4.96
C VAL A 47 -2.82 1.09 -5.15
N VAL A 48 -2.30 1.12 -6.38
CA VAL A 48 -1.12 1.91 -6.69
C VAL A 48 -1.38 3.40 -6.46
N LYS A 49 -2.54 3.86 -6.92
CA LYS A 49 -2.93 5.25 -6.76
C LYS A 49 -3.22 5.57 -5.29
N ALA A 50 -3.79 4.61 -4.58
CA ALA A 50 -4.08 4.77 -3.16
C ALA A 50 -2.80 4.81 -2.35
N LEU A 51 -1.80 4.05 -2.78
CA LEU A 51 -0.50 4.05 -2.12
C LEU A 51 0.17 5.42 -2.22
N ASP A 52 0.13 6.01 -3.41
CA ASP A 52 0.68 7.35 -3.62
C ASP A 52 -0.18 8.41 -2.94
N GLN A 53 -1.48 8.16 -2.89
CA GLN A 53 -2.41 9.05 -2.20
C GLN A 53 -2.11 9.12 -0.71
N LEU A 54 -1.88 7.95 -0.12
CA LEU A 54 -1.54 7.88 1.31
C LEU A 54 -0.20 8.56 1.58
N ALA A 55 0.78 8.29 0.73
CA ALA A 55 2.11 8.88 0.88
C ALA A 55 2.05 10.39 0.72
N GLN A 56 1.18 10.87 -0.16
CA GLN A 56 0.99 12.29 -0.37
C GLN A 56 0.36 12.95 0.84
N GLU A 57 -0.58 12.26 1.47
CA GLU A 57 -1.25 12.77 2.65
C GLU A 57 -0.38 12.65 3.89
N GLY A 58 0.61 11.76 3.82
CA GLY A 58 1.54 11.56 4.92
C GLY A 58 1.05 10.46 5.86
N LYS A 59 0.22 9.57 5.33
CA LYS A 59 -0.31 8.46 6.12
C LYS A 59 0.67 7.30 6.18
N ILE A 60 1.45 7.14 5.12
CA ILE A 60 2.44 6.07 5.06
C ILE A 60 3.77 6.59 4.54
N LYS A 61 4.82 5.80 4.72
CA LYS A 61 6.15 6.15 4.21
C LYS A 61 6.52 5.30 2.99
N GLU A 62 7.32 5.86 2.11
CA GLU A 62 7.69 5.18 0.87
C GLU A 62 9.20 5.09 0.73
N LYS A 63 9.69 3.90 0.37
CA LYS A 63 11.10 3.72 0.05
C LYS A 63 11.26 3.11 -1.33
N THR A 64 12.43 3.32 -1.93
CA THR A 64 12.73 2.80 -3.26
C THR A 64 13.65 1.59 -3.20
N TYR A 65 13.20 0.47 -3.76
CA TYR A 65 14.01 -0.74 -3.83
C TYR A 65 14.42 -1.05 -5.27
N GLY A 66 15.55 -0.51 -5.69
CA GLY A 66 16.00 -0.64 -7.06
C GLY A 66 15.06 0.08 -8.03
N LYS A 67 14.32 -0.69 -8.81
CA LYS A 67 13.32 -0.14 -9.71
C LYS A 67 11.91 -0.32 -9.15
N GLN A 68 11.84 -0.84 -7.93
CA GLN A 68 10.56 -1.16 -7.30
C GLN A 68 10.25 -0.17 -6.17
N LYS A 69 8.99 -0.15 -5.74
CA LYS A 69 8.57 0.72 -4.66
C LYS A 69 8.06 -0.08 -3.46
N ILE A 70 8.40 0.36 -2.26
CA ILE A 70 7.96 -0.30 -1.04
C ILE A 70 7.25 0.68 -0.11
N TYR A 71 6.09 0.27 0.40
CA TYR A 71 5.29 1.14 1.25
C TYR A 71 5.08 0.51 2.62
N PHE A 72 5.03 1.35 3.65
CA PHE A 72 4.72 0.89 5.01
C PHE A 72 4.16 2.03 5.85
N ALA A 73 3.29 1.68 6.80
CA ALA A 73 2.70 2.67 7.69
C ALA A 73 3.62 2.98 8.87
N ASP A 74 3.62 4.22 9.31
CA ASP A 74 4.46 4.64 10.43
C ASP A 74 3.95 5.95 11.03
N GLY A 11 -11.80 4.16 -0.91
CA GLY A 11 -11.88 3.09 0.07
C GLY A 11 -10.57 2.33 0.16
N ALA A 12 -9.83 2.31 -0.94
CA ALA A 12 -8.58 1.54 -1.03
C ALA A 12 -7.54 2.10 -0.06
N PRO A 13 -7.43 3.41 -0.01
CA PRO A 13 -6.49 4.08 0.90
C PRO A 13 -6.72 3.64 2.34
N GLY A 14 -7.99 3.53 2.73
CA GLY A 14 -8.35 3.11 4.08
C GLY A 14 -7.97 1.65 4.31
N ILE A 15 -8.21 0.82 3.31
CA ILE A 15 -7.87 -0.60 3.39
C ILE A 15 -6.36 -0.80 3.51
N ILE A 16 -5.60 -0.06 2.71
CA ILE A 16 -4.15 -0.21 2.69
C ILE A 16 -3.52 0.36 3.94
N LEU A 17 -4.03 1.49 4.40
CA LEU A 17 -3.55 2.13 5.62
C LEU A 17 -3.72 1.22 6.82
N ARG A 18 -4.91 0.63 6.94
CA ARG A 18 -5.17 -0.35 7.99
C ARG A 18 -4.32 -1.60 7.79
N TYR A 19 -4.18 -2.03 6.55
CA TYR A 19 -3.35 -3.18 6.22
C TYR A 19 -1.93 -3.02 6.75
N LEU A 20 -1.31 -1.89 6.41
CA LEU A 20 0.07 -1.63 6.80
C LEU A 20 0.18 -1.39 8.30
N GLN A 21 -0.86 -0.79 8.87
CA GLN A 21 -0.88 -0.49 10.30
C GLN A 21 -0.90 -1.77 11.13
N GLU A 22 -1.72 -2.72 10.73
CA GLU A 22 -1.87 -3.97 11.46
C GLU A 22 -0.68 -4.89 11.21
N GLN A 23 -0.19 -4.89 9.99
CA GLN A 23 0.95 -5.73 9.62
C GLN A 23 2.24 -5.23 10.25
N ASN A 24 2.39 -3.91 10.31
CA ASN A 24 3.61 -3.29 10.81
C ASN A 24 4.84 -3.81 10.08
N ARG A 25 4.74 -3.91 8.75
CA ARG A 25 5.82 -4.43 7.95
C ARG A 25 5.77 -3.87 6.53
N PRO A 26 6.92 -3.39 6.04
CA PRO A 26 7.00 -2.86 4.69
C PRO A 26 6.59 -3.89 3.65
N TYR A 27 5.74 -3.47 2.72
CA TYR A 27 5.40 -4.30 1.57
C TYR A 27 5.56 -3.51 0.28
N SER A 28 5.93 -4.22 -0.80
CA SER A 28 6.05 -3.61 -2.11
C SER A 28 4.67 -3.28 -2.69
N ALA A 29 4.65 -2.44 -3.72
CA ALA A 29 3.42 -2.16 -4.46
C ALA A 29 2.75 -3.45 -4.93
N GLN A 30 3.57 -4.43 -5.29
CA GLN A 30 3.07 -5.70 -5.78
C GLN A 30 2.56 -6.57 -4.64
N ASP A 31 3.27 -6.55 -3.52
CA ASP A 31 2.88 -7.31 -2.34
C ASP A 31 1.55 -6.84 -1.78
N VAL A 32 1.37 -5.52 -1.74
CA VAL A 32 0.14 -4.94 -1.25
C VAL A 32 -1.04 -5.28 -2.14
N PHE A 33 -0.85 -5.11 -3.44
CA PHE A 33 -1.88 -5.45 -4.42
C PHE A 33 -2.24 -6.93 -4.34
N GLY A 34 -1.22 -7.78 -4.40
CA GLY A 34 -1.43 -9.22 -4.50
C GLY A 34 -2.32 -9.72 -3.37
N ASN A 35 -2.05 -9.25 -2.15
CA ASN A 35 -2.79 -9.71 -0.97
C ASN A 35 -4.20 -9.14 -0.96
N LEU A 36 -4.32 -7.86 -1.34
CA LEU A 36 -5.61 -7.18 -1.29
C LEU A 36 -6.42 -7.44 -2.55
N GLN A 37 -5.79 -8.08 -3.53
CA GLN A 37 -6.47 -8.44 -4.77
C GLN A 37 -7.58 -9.47 -4.51
N LYS A 38 -7.32 -10.38 -3.58
CA LYS A 38 -8.26 -11.46 -3.28
C LYS A 38 -9.02 -11.18 -2.00
N GLU A 39 -8.36 -10.54 -1.05
CA GLU A 39 -8.94 -10.32 0.28
C GLU A 39 -10.01 -9.24 0.23
N HIS A 40 -9.72 -8.15 -0.48
CA HIS A 40 -10.62 -7.00 -0.51
C HIS A 40 -11.09 -6.72 -1.93
N GLY A 41 -10.36 -7.23 -2.91
CA GLY A 41 -10.80 -7.16 -4.30
C GLY A 41 -10.39 -5.84 -4.94
N LEU A 42 -9.27 -5.28 -4.49
CA LEU A 42 -8.78 -4.02 -5.02
C LEU A 42 -8.05 -4.22 -6.34
N GLY A 43 -8.20 -3.27 -7.25
CA GLY A 43 -7.59 -3.37 -8.57
C GLY A 43 -6.17 -2.81 -8.57
N LYS A 44 -5.48 -2.93 -9.70
CA LYS A 44 -4.10 -2.48 -9.81
C LYS A 44 -3.99 -0.97 -9.65
N ALA A 45 -4.84 -0.24 -10.38
CA ALA A 45 -4.87 1.20 -10.30
C ALA A 45 -5.31 1.68 -8.92
N ALA A 46 -6.30 0.99 -8.36
CA ALA A 46 -6.83 1.35 -7.05
C ALA A 46 -5.76 1.29 -5.98
N VAL A 47 -4.99 0.20 -5.97
CA VAL A 47 -3.95 0.00 -4.96
C VAL A 47 -2.80 0.97 -5.14
N VAL A 48 -2.29 1.04 -6.38
CA VAL A 48 -1.10 1.84 -6.66
C VAL A 48 -1.37 3.32 -6.41
N LYS A 49 -2.53 3.80 -6.86
CA LYS A 49 -2.91 5.19 -6.67
C LYS A 49 -3.18 5.50 -5.19
N ALA A 50 -3.75 4.52 -4.49
CA ALA A 50 -4.02 4.67 -3.06
C ALA A 50 -2.73 4.69 -2.25
N LEU A 51 -1.74 3.92 -2.70
CA LEU A 51 -0.44 3.90 -2.04
C LEU A 51 0.21 5.27 -2.07
N ASP A 52 0.19 5.91 -3.23
CA ASP A 52 0.73 7.26 -3.37
C ASP A 52 -0.17 8.28 -2.68
N GLN A 53 -1.48 8.05 -2.75
CA GLN A 53 -2.45 8.92 -2.08
C GLN A 53 -2.15 9.03 -0.59
N LEU A 54 -1.92 7.89 0.06
CA LEU A 54 -1.61 7.86 1.47
C LEU A 54 -0.29 8.56 1.78
N ALA A 55 0.71 8.30 0.94
CA ALA A 55 2.04 8.87 1.14
C ALA A 55 2.02 10.39 1.03
N GLN A 56 1.20 10.89 0.12
CA GLN A 56 1.07 12.33 -0.07
C GLN A 56 0.28 12.97 1.05
N GLU A 57 -0.72 12.25 1.55
CA GLU A 57 -1.50 12.72 2.68
C GLU A 57 -0.69 12.72 3.96
N GLY A 58 0.31 11.84 4.02
CA GLY A 58 1.17 11.73 5.20
C GLY A 58 0.66 10.63 6.13
N LYS A 59 0.00 9.63 5.56
CA LYS A 59 -0.52 8.51 6.33
C LYS A 59 0.50 7.38 6.42
N ILE A 60 1.26 7.20 5.34
CA ILE A 60 2.31 6.20 5.31
C ILE A 60 3.60 6.77 4.73
N LYS A 61 4.68 6.02 4.86
CA LYS A 61 5.96 6.40 4.26
C LYS A 61 6.30 5.51 3.07
N GLU A 62 7.20 6.00 2.21
CA GLU A 62 7.54 5.29 0.99
C GLU A 62 9.04 5.36 0.71
N LYS A 63 9.55 4.32 0.05
CA LYS A 63 10.95 4.31 -0.37
C LYS A 63 11.15 3.47 -1.62
N THR A 64 12.31 3.61 -2.25
CA THR A 64 12.61 2.88 -3.47
C THR A 64 13.51 1.68 -3.18
N TYR A 65 13.07 0.50 -3.63
CA TYR A 65 13.87 -0.71 -3.48
C TYR A 65 14.08 -1.39 -4.82
N GLY A 66 15.27 -1.21 -5.39
CA GLY A 66 15.58 -1.74 -6.71
C GLY A 66 14.73 -1.06 -7.78
N LYS A 67 13.93 -1.86 -8.49
CA LYS A 67 13.04 -1.33 -9.51
C LYS A 67 11.61 -1.19 -8.99
N GLN A 68 11.41 -1.58 -7.72
CA GLN A 68 10.09 -1.57 -7.13
C GLN A 68 9.97 -0.48 -6.06
N LYS A 69 8.74 -0.18 -5.67
CA LYS A 69 8.49 0.78 -4.60
C LYS A 69 7.99 0.09 -3.34
N ILE A 70 8.53 0.47 -2.19
CA ILE A 70 8.13 -0.12 -0.92
C ILE A 70 7.34 0.87 -0.07
N TYR A 71 6.22 0.41 0.46
CA TYR A 71 5.37 1.25 1.29
C TYR A 71 5.16 0.65 2.67
N PHE A 72 5.15 1.51 3.69
CA PHE A 72 5.00 1.07 5.07
C PHE A 72 4.41 2.16 5.94
N ALA A 73 3.67 1.78 6.97
CA ALA A 73 3.08 2.73 7.91
C ALA A 73 4.08 3.13 8.98
N ASP A 74 4.02 4.39 9.40
CA ASP A 74 4.90 4.90 10.44
C ASP A 74 4.35 6.17 11.06
N GLY A 11 -12.58 2.86 -1.21
CA GLY A 11 -11.78 3.26 -0.06
C GLY A 11 -10.51 2.43 0.04
N ALA A 12 -9.74 2.39 -1.05
CA ALA A 12 -8.51 1.62 -1.09
C ALA A 12 -7.48 2.17 -0.12
N PRO A 13 -7.37 3.50 -0.06
CA PRO A 13 -6.45 4.17 0.84
C PRO A 13 -6.70 3.75 2.28
N GLY A 14 -7.96 3.62 2.65
CA GLY A 14 -8.35 3.25 4.01
C GLY A 14 -8.01 1.79 4.29
N ILE A 15 -8.24 0.93 3.29
CA ILE A 15 -7.93 -0.49 3.40
C ILE A 15 -6.43 -0.71 3.54
N ILE A 16 -5.65 -0.04 2.71
CA ILE A 16 -4.21 -0.21 2.70
C ILE A 16 -3.57 0.35 3.97
N LEU A 17 -4.03 1.53 4.36
CA LEU A 17 -3.55 2.15 5.60
C LEU A 17 -3.78 1.24 6.80
N ARG A 18 -5.01 0.76 6.95
CA ARG A 18 -5.36 -0.13 8.05
C ARG A 18 -4.63 -1.47 7.93
N TYR A 19 -4.40 -1.91 6.70
CA TYR A 19 -3.66 -3.13 6.44
C TYR A 19 -2.22 -3.01 6.94
N LEU A 20 -1.57 -1.91 6.58
CA LEU A 20 -0.17 -1.70 6.94
C LEU A 20 -0.01 -1.57 8.45
N GLN A 21 -1.00 -0.96 9.10
CA GLN A 21 -0.99 -0.82 10.55
C GLN A 21 -1.29 -2.14 11.24
N GLU A 22 -2.20 -2.92 10.64
CA GLU A 22 -2.58 -4.21 11.19
C GLU A 22 -1.41 -5.19 11.16
N GLN A 23 -0.68 -5.20 10.05
CA GLN A 23 0.44 -6.12 9.87
C GLN A 23 1.70 -5.55 10.50
N ASN A 24 1.84 -4.23 10.47
CA ASN A 24 3.03 -3.58 10.99
C ASN A 24 4.29 -4.03 10.24
N ARG A 25 4.13 -4.26 8.94
CA ARG A 25 5.24 -4.74 8.12
C ARG A 25 5.25 -4.04 6.76
N PRO A 26 6.45 -3.89 6.21
CA PRO A 26 6.60 -3.27 4.90
C PRO A 26 6.14 -4.22 3.78
N TYR A 27 5.45 -3.66 2.80
CA TYR A 27 5.03 -4.43 1.63
C TYR A 27 5.30 -3.66 0.34
N SER A 28 5.76 -4.38 -0.69
CA SER A 28 6.01 -3.77 -1.99
C SER A 28 4.71 -3.36 -2.67
N ALA A 29 4.81 -2.54 -3.70
CA ALA A 29 3.66 -2.17 -4.52
C ALA A 29 2.92 -3.40 -5.02
N GLN A 30 3.68 -4.46 -5.29
CA GLN A 30 3.11 -5.71 -5.79
C GLN A 30 2.51 -6.53 -4.66
N ASP A 31 3.19 -6.53 -3.51
CA ASP A 31 2.75 -7.30 -2.37
C ASP A 31 1.41 -6.79 -1.84
N VAL A 32 1.26 -5.48 -1.77
CA VAL A 32 0.05 -4.87 -1.26
C VAL A 32 -1.16 -5.23 -2.13
N PHE A 33 -0.98 -5.09 -3.44
CA PHE A 33 -2.03 -5.47 -4.39
C PHE A 33 -2.35 -6.95 -4.28
N GLY A 34 -1.33 -7.80 -4.38
CA GLY A 34 -1.52 -9.24 -4.43
C GLY A 34 -2.33 -9.73 -3.24
N ASN A 35 -2.03 -9.20 -2.07
CA ASN A 35 -2.69 -9.63 -0.84
C ASN A 35 -4.10 -9.07 -0.75
N LEU A 36 -4.26 -7.81 -1.11
CA LEU A 36 -5.54 -7.14 -1.02
C LEU A 36 -6.40 -7.38 -2.24
N GLN A 37 -5.85 -8.11 -3.21
CA GLN A 37 -6.61 -8.56 -4.37
C GLN A 37 -7.58 -9.67 -3.99
N LYS A 38 -7.15 -10.54 -3.08
CA LYS A 38 -7.94 -11.70 -2.69
C LYS A 38 -8.78 -11.39 -1.44
N GLU A 39 -8.28 -10.50 -0.60
CA GLU A 39 -8.93 -10.20 0.68
C GLU A 39 -10.07 -9.21 0.49
N HIS A 40 -9.83 -8.19 -0.33
CA HIS A 40 -10.79 -7.10 -0.49
C HIS A 40 -11.23 -6.96 -1.94
N GLY A 41 -10.31 -7.21 -2.86
CA GLY A 41 -10.62 -7.19 -4.28
C GLY A 41 -10.22 -5.87 -4.92
N LEU A 42 -9.16 -5.26 -4.40
CA LEU A 42 -8.66 -3.99 -4.91
C LEU A 42 -7.93 -4.17 -6.23
N GLY A 43 -8.11 -3.22 -7.14
CA GLY A 43 -7.52 -3.30 -8.47
C GLY A 43 -6.10 -2.74 -8.47
N LYS A 44 -5.41 -2.92 -9.59
CA LYS A 44 -4.02 -2.49 -9.70
C LYS A 44 -3.90 -0.98 -9.62
N ALA A 45 -4.74 -0.28 -10.38
CA ALA A 45 -4.75 1.18 -10.37
C ALA A 45 -5.20 1.71 -9.02
N ALA A 46 -6.17 1.03 -8.41
CA ALA A 46 -6.70 1.44 -7.11
C ALA A 46 -5.62 1.38 -6.03
N VAL A 47 -4.87 0.28 -6.00
CA VAL A 47 -3.87 0.06 -4.98
C VAL A 47 -2.69 1.02 -5.16
N VAL A 48 -2.17 1.07 -6.38
CA VAL A 48 -0.99 1.89 -6.67
C VAL A 48 -1.27 3.37 -6.43
N LYS A 49 -2.42 3.84 -6.90
CA LYS A 49 -2.85 5.21 -6.69
C LYS A 49 -3.03 5.51 -5.21
N ALA A 50 -3.67 4.58 -4.50
CA ALA A 50 -3.93 4.76 -3.08
C ALA A 50 -2.63 4.78 -2.28
N LEU A 51 -1.67 3.97 -2.71
CA LEU A 51 -0.36 3.94 -2.06
C LEU A 51 0.33 5.30 -2.15
N ASP A 52 0.30 5.89 -3.34
CA ASP A 52 0.89 7.21 -3.55
C ASP A 52 0.06 8.29 -2.86
N GLN A 53 -1.25 8.08 -2.82
CA GLN A 53 -2.15 9.05 -2.19
C GLN A 53 -1.92 9.12 -0.68
N LEU A 54 -1.73 7.96 -0.06
CA LEU A 54 -1.47 7.90 1.37
C LEU A 54 -0.13 8.56 1.71
N ALA A 55 0.87 8.33 0.88
CA ALA A 55 2.17 8.99 1.04
C ALA A 55 2.06 10.50 0.86
N GLN A 56 1.21 10.91 -0.07
CA GLN A 56 0.95 12.32 -0.31
C GLN A 56 0.23 12.95 0.89
N GLU A 57 -0.67 12.19 1.49
CA GLU A 57 -1.37 12.64 2.69
C GLU A 57 -0.43 12.71 3.88
N GLY A 58 0.59 11.85 3.88
CA GLY A 58 1.53 11.77 4.99
C GLY A 58 1.07 10.75 6.02
N LYS A 59 0.35 9.73 5.57
CA LYS A 59 -0.18 8.71 6.46
C LYS A 59 0.68 7.46 6.44
N ILE A 60 1.42 7.27 5.36
CA ILE A 60 2.40 6.20 5.28
C ILE A 60 3.74 6.71 4.73
N LYS A 61 4.78 5.90 4.89
CA LYS A 61 6.08 6.21 4.31
C LYS A 61 6.37 5.35 3.10
N GLU A 62 7.29 5.79 2.25
CA GLU A 62 7.63 5.08 1.03
C GLU A 62 9.13 5.09 0.78
N LYS A 63 9.64 3.98 0.24
CA LYS A 63 11.04 3.90 -0.17
C LYS A 63 11.18 3.14 -1.48
N THR A 64 11.98 3.69 -2.39
CA THR A 64 12.18 3.06 -3.69
C THR A 64 13.42 2.15 -3.68
N TYR A 65 13.21 0.88 -3.97
CA TYR A 65 14.30 -0.10 -3.97
C TYR A 65 14.54 -0.65 -5.37
N GLY A 66 15.47 -0.03 -6.09
CA GLY A 66 15.74 -0.41 -7.47
C GLY A 66 14.64 0.08 -8.41
N LYS A 67 13.97 -0.85 -9.06
CA LYS A 67 12.89 -0.52 -9.98
C LYS A 67 11.53 -0.64 -9.31
N GLN A 68 11.52 -1.19 -8.10
CA GLN A 68 10.28 -1.39 -7.37
C GLN A 68 10.19 -0.46 -6.16
N LYS A 69 8.97 -0.22 -5.68
CA LYS A 69 8.76 0.60 -4.51
C LYS A 69 8.15 -0.20 -3.37
N ILE A 70 8.49 0.16 -2.14
CA ILE A 70 7.95 -0.50 -0.96
C ILE A 70 7.32 0.52 -0.01
N TYR A 71 6.13 0.20 0.49
CA TYR A 71 5.37 1.11 1.33
C TYR A 71 5.14 0.52 2.72
N PHE A 72 5.10 1.38 3.72
CA PHE A 72 4.85 0.95 5.10
C PHE A 72 4.31 2.09 5.94
N ALA A 73 3.48 1.75 6.93
CA ALA A 73 2.91 2.75 7.83
C ALA A 73 3.88 3.08 8.96
N ASP A 74 3.88 4.34 9.39
CA ASP A 74 4.75 4.78 10.46
C ASP A 74 4.27 6.11 11.05
N GLY A 11 -11.76 4.37 -0.86
CA GLY A 11 -11.85 3.31 0.14
C GLY A 11 -10.56 2.51 0.22
N ALA A 12 -9.84 2.45 -0.90
CA ALA A 12 -8.61 1.65 -0.99
C ALA A 12 -7.54 2.19 -0.05
N PRO A 13 -7.41 3.52 0.00
CA PRO A 13 -6.44 4.16 0.88
C PRO A 13 -6.66 3.74 2.33
N GLY A 14 -7.92 3.67 2.73
CA GLY A 14 -8.26 3.27 4.10
C GLY A 14 -7.93 1.80 4.34
N ILE A 15 -8.22 0.96 3.35
CA ILE A 15 -7.92 -0.47 3.44
C ILE A 15 -6.42 -0.70 3.56
N ILE A 16 -5.65 -0.01 2.73
CA ILE A 16 -4.20 -0.22 2.67
C ILE A 16 -3.54 0.31 3.94
N LEU A 17 -3.93 1.52 4.36
CA LEU A 17 -3.38 2.13 5.56
C LEU A 17 -3.60 1.24 6.77
N ARG A 18 -4.84 0.80 6.96
CA ARG A 18 -5.18 -0.06 8.09
C ARG A 18 -4.49 -1.41 7.97
N TYR A 19 -4.36 -1.91 6.75
CA TYR A 19 -3.63 -3.15 6.51
C TYR A 19 -2.19 -3.04 6.97
N LEU A 20 -1.53 -1.96 6.58
CA LEU A 20 -0.11 -1.77 6.88
C LEU A 20 0.11 -1.62 8.38
N GLN A 21 -0.85 -0.99 9.05
CA GLN A 21 -0.77 -0.78 10.49
C GLN A 21 -0.98 -2.10 11.24
N GLU A 22 -1.95 -2.88 10.78
CA GLU A 22 -2.29 -4.14 11.44
C GLU A 22 -1.19 -5.18 11.26
N GLN A 23 -0.54 -5.15 10.11
CA GLN A 23 0.55 -6.07 9.82
C GLN A 23 1.86 -5.57 10.41
N ASN A 24 2.05 -4.25 10.40
CA ASN A 24 3.26 -3.65 10.92
C ASN A 24 4.48 -4.13 10.15
N ARG A 25 4.31 -4.34 8.85
CA ARG A 25 5.40 -4.84 8.01
C ARG A 25 5.42 -4.11 6.67
N PRO A 26 6.62 -3.97 6.10
CA PRO A 26 6.78 -3.33 4.81
C PRO A 26 6.29 -4.23 3.69
N TYR A 27 5.56 -3.65 2.73
CA TYR A 27 5.10 -4.39 1.56
C TYR A 27 5.35 -3.60 0.29
N SER A 28 5.78 -4.29 -0.76
CA SER A 28 6.02 -3.66 -2.05
C SER A 28 4.70 -3.25 -2.71
N ALA A 29 4.80 -2.43 -3.75
CA ALA A 29 3.63 -2.02 -4.52
C ALA A 29 2.87 -3.24 -5.04
N GLN A 30 3.61 -4.32 -5.30
CA GLN A 30 3.00 -5.55 -5.80
C GLN A 30 2.47 -6.41 -4.67
N ASP A 31 3.17 -6.38 -3.54
CA ASP A 31 2.75 -7.12 -2.35
C ASP A 31 1.38 -6.66 -1.88
N VAL A 32 1.20 -5.34 -1.81
CA VAL A 32 -0.04 -4.77 -1.29
C VAL A 32 -1.23 -5.17 -2.13
N PHE A 33 -1.09 -5.05 -3.45
CA PHE A 33 -2.13 -5.47 -4.38
C PHE A 33 -2.43 -6.96 -4.24
N GLY A 34 -1.39 -7.78 -4.37
CA GLY A 34 -1.56 -9.22 -4.38
C GLY A 34 -2.29 -9.70 -3.13
N ASN A 35 -1.95 -9.13 -1.99
CA ASN A 35 -2.51 -9.55 -0.71
C ASN A 35 -3.94 -9.07 -0.55
N LEU A 36 -4.20 -7.85 -1.01
CA LEU A 36 -5.52 -7.25 -0.87
C LEU A 36 -6.41 -7.58 -2.06
N GLN A 37 -5.83 -8.26 -3.05
CA GLN A 37 -6.59 -8.71 -4.21
C GLN A 37 -7.61 -9.78 -3.83
N LYS A 38 -7.19 -10.72 -3.00
CA LYS A 38 -8.04 -11.83 -2.61
C LYS A 38 -8.88 -11.47 -1.40
N GLU A 39 -8.38 -10.57 -0.57
CA GLU A 39 -9.02 -10.22 0.69
C GLU A 39 -10.14 -9.22 0.48
N HIS A 40 -9.87 -8.20 -0.33
CA HIS A 40 -10.80 -7.08 -0.49
C HIS A 40 -11.25 -6.96 -1.94
N GLY A 41 -10.35 -7.25 -2.87
CA GLY A 41 -10.67 -7.22 -4.29
C GLY A 41 -10.31 -5.88 -4.90
N LEU A 42 -9.26 -5.25 -4.39
CA LEU A 42 -8.80 -3.97 -4.90
C LEU A 42 -8.05 -4.16 -6.22
N GLY A 43 -8.24 -3.21 -7.14
CA GLY A 43 -7.64 -3.30 -8.46
C GLY A 43 -6.21 -2.77 -8.45
N LYS A 44 -5.50 -2.97 -9.56
CA LYS A 44 -4.11 -2.53 -9.67
C LYS A 44 -4.00 -1.01 -9.60
N ALA A 45 -4.84 -0.32 -10.37
CA ALA A 45 -4.86 1.13 -10.36
C ALA A 45 -5.31 1.67 -9.00
N ALA A 46 -6.30 1.02 -8.41
CA ALA A 46 -6.82 1.45 -7.12
C ALA A 46 -5.75 1.41 -6.04
N VAL A 47 -5.00 0.31 -6.00
CA VAL A 47 -3.98 0.12 -4.98
C VAL A 47 -2.82 1.09 -5.18
N VAL A 48 -2.30 1.15 -6.40
CA VAL A 48 -1.14 1.98 -6.71
C VAL A 48 -1.44 3.45 -6.47
N LYS A 49 -2.60 3.90 -6.92
CA LYS A 49 -3.02 5.28 -6.73
C LYS A 49 -3.29 5.58 -5.26
N ALA A 50 -3.82 4.60 -4.55
CA ALA A 50 -4.08 4.74 -3.12
C ALA A 50 -2.79 4.80 -2.33
N LEU A 51 -1.79 4.06 -2.77
CA LEU A 51 -0.49 4.05 -2.13
C LEU A 51 0.17 5.44 -2.22
N ASP A 52 0.12 6.03 -3.41
CA ASP A 52 0.66 7.37 -3.62
C ASP A 52 -0.20 8.42 -2.92
N GLN A 53 -1.52 8.20 -2.92
CA GLN A 53 -2.45 9.07 -2.21
C GLN A 53 -2.09 9.16 -0.73
N LEU A 54 -1.85 8.00 -0.11
CA LEU A 54 -1.50 7.95 1.30
C LEU A 54 -0.14 8.61 1.55
N ALA A 55 0.80 8.36 0.66
CA ALA A 55 2.15 8.90 0.79
C ALA A 55 2.15 10.42 0.74
N GLN A 56 1.30 10.97 -0.13
CA GLN A 56 1.18 12.42 -0.27
C GLN A 56 0.46 13.03 0.93
N GLU A 57 -0.52 12.29 1.46
CA GLU A 57 -1.23 12.73 2.66
C GLU A 57 -0.34 12.66 3.89
N GLY A 58 0.66 11.78 3.84
CA GLY A 58 1.57 11.60 4.96
C GLY A 58 1.09 10.49 5.90
N LYS A 59 0.27 9.59 5.35
CA LYS A 59 -0.26 8.48 6.13
C LYS A 59 0.71 7.30 6.18
N ILE A 60 1.48 7.14 5.11
CA ILE A 60 2.47 6.08 5.04
C ILE A 60 3.80 6.59 4.50
N LYS A 61 4.85 5.80 4.68
CA LYS A 61 6.17 6.15 4.16
C LYS A 61 6.53 5.31 2.95
N GLU A 62 7.32 5.88 2.05
CA GLU A 62 7.70 5.19 0.82
C GLU A 62 9.22 5.10 0.68
N LYS A 63 9.70 3.92 0.36
CA LYS A 63 11.12 3.72 0.06
C LYS A 63 11.31 3.00 -1.28
N THR A 64 12.34 3.39 -2.02
CA THR A 64 12.60 2.82 -3.33
C THR A 64 13.60 1.68 -3.25
N TYR A 65 13.17 0.49 -3.66
CA TYR A 65 14.05 -0.66 -3.72
C TYR A 65 14.49 -0.95 -5.15
N GLY A 66 15.59 -0.34 -5.56
CA GLY A 66 16.07 -0.47 -6.93
C GLY A 66 15.12 0.21 -7.90
N LYS A 67 14.42 -0.60 -8.69
CA LYS A 67 13.40 -0.08 -9.60
C LYS A 67 12.00 -0.32 -9.05
N GLN A 68 11.93 -0.84 -7.83
CA GLN A 68 10.65 -1.15 -7.22
C GLN A 68 10.31 -0.19 -6.10
N LYS A 69 9.03 -0.12 -5.75
CA LYS A 69 8.57 0.74 -4.66
C LYS A 69 8.05 -0.07 -3.48
N ILE A 70 8.40 0.35 -2.28
CA ILE A 70 7.93 -0.31 -1.06
C ILE A 70 7.25 0.68 -0.13
N TYR A 71 6.08 0.29 0.37
CA TYR A 71 5.29 1.17 1.23
C TYR A 71 5.07 0.53 2.60
N PHE A 72 5.05 1.37 3.63
CA PHE A 72 4.73 0.91 4.98
C PHE A 72 4.17 2.04 5.84
N ALA A 73 3.31 1.70 6.79
CA ALA A 73 2.73 2.68 7.69
C ALA A 73 3.65 2.99 8.86
N ASP A 74 3.64 4.24 9.30
CA ASP A 74 4.48 4.68 10.39
C ASP A 74 3.99 5.99 10.99
N GLY A 11 -11.89 4.05 -0.85
CA GLY A 11 -11.94 2.97 0.12
C GLY A 11 -10.61 2.23 0.19
N ALA A 12 -9.88 2.24 -0.92
CA ALA A 12 -8.61 1.50 -1.01
C ALA A 12 -7.57 2.07 -0.05
N PRO A 13 -7.50 3.39 0.02
CA PRO A 13 -6.56 4.05 0.92
C PRO A 13 -6.76 3.61 2.36
N GLY A 14 -8.02 3.46 2.76
CA GLY A 14 -8.35 3.04 4.12
C GLY A 14 -7.98 1.58 4.35
N ILE A 15 -8.25 0.74 3.35
CA ILE A 15 -7.91 -0.68 3.42
C ILE A 15 -6.40 -0.87 3.52
N ILE A 16 -5.67 -0.14 2.68
CA ILE A 16 -4.22 -0.29 2.62
C ILE A 16 -3.55 0.24 3.89
N LEU A 17 -3.97 1.42 4.32
CA LEU A 17 -3.45 2.04 5.53
C LEU A 17 -3.67 1.13 6.74
N ARG A 18 -4.91 0.70 6.94
CA ARG A 18 -5.24 -0.24 8.00
C ARG A 18 -4.41 -1.51 7.89
N TYR A 19 -4.31 -2.04 6.67
CA TYR A 19 -3.52 -3.24 6.42
C TYR A 19 -2.08 -3.07 6.90
N LEU A 20 -1.46 -1.97 6.51
CA LEU A 20 -0.05 -1.74 6.81
C LEU A 20 0.17 -1.55 8.31
N GLN A 21 -0.80 -0.94 8.96
CA GLN A 21 -0.72 -0.71 10.40
C GLN A 21 -0.86 -2.01 11.17
N GLU A 22 -1.79 -2.85 10.75
CA GLU A 22 -2.06 -4.11 11.44
C GLU A 22 -0.91 -5.09 11.26
N GLN A 23 -0.29 -5.06 10.08
CA GLN A 23 0.82 -5.94 9.78
C GLN A 23 2.13 -5.40 10.36
N ASN A 24 2.29 -4.08 10.34
CA ASN A 24 3.49 -3.44 10.86
C ASN A 24 4.73 -3.92 10.13
N ARG A 25 4.59 -4.15 8.81
CA ARG A 25 5.69 -4.64 8.00
C ARG A 25 5.73 -3.94 6.66
N PRO A 26 6.92 -3.85 6.07
CA PRO A 26 7.10 -3.25 4.76
C PRO A 26 6.56 -4.16 3.67
N TYR A 27 5.79 -3.59 2.75
CA TYR A 27 5.29 -4.34 1.60
C TYR A 27 5.45 -3.53 0.31
N SER A 28 5.87 -4.22 -0.75
CA SER A 28 6.02 -3.58 -2.06
C SER A 28 4.68 -3.24 -2.67
N ALA A 29 4.69 -2.43 -3.71
CA ALA A 29 3.48 -2.12 -4.47
C ALA A 29 2.81 -3.39 -4.97
N GLN A 30 3.61 -4.39 -5.29
CA GLN A 30 3.08 -5.67 -5.76
C GLN A 30 2.57 -6.51 -4.59
N ASP A 31 3.27 -6.43 -3.45
CA ASP A 31 2.85 -7.14 -2.25
C ASP A 31 1.47 -6.67 -1.79
N VAL A 32 1.29 -5.37 -1.70
CA VAL A 32 0.04 -4.79 -1.20
C VAL A 32 -1.12 -5.14 -2.12
N PHE A 33 -0.92 -4.98 -3.43
CA PHE A 33 -1.93 -5.33 -4.41
C PHE A 33 -2.30 -6.80 -4.32
N GLY A 34 -1.30 -7.67 -4.46
CA GLY A 34 -1.53 -9.11 -4.50
C GLY A 34 -2.28 -9.58 -3.26
N ASN A 35 -1.92 -9.02 -2.11
CA ASN A 35 -2.48 -9.45 -0.83
C ASN A 35 -3.90 -8.93 -0.67
N LEU A 36 -4.18 -7.76 -1.25
CA LEU A 36 -5.50 -7.15 -1.15
C LEU A 36 -6.32 -7.41 -2.40
N GLN A 37 -5.76 -8.18 -3.32
CA GLN A 37 -6.48 -8.60 -4.52
C GLN A 37 -7.47 -9.72 -4.20
N LYS A 38 -7.10 -10.58 -3.26
CA LYS A 38 -7.93 -11.73 -2.91
C LYS A 38 -8.75 -11.47 -1.65
N GLU A 39 -8.20 -10.63 -0.78
CA GLU A 39 -8.82 -10.38 0.53
C GLU A 39 -9.92 -9.33 0.43
N HIS A 40 -9.77 -8.42 -0.52
CA HIS A 40 -10.72 -7.31 -0.66
C HIS A 40 -11.16 -7.14 -2.11
N GLY A 41 -10.22 -7.30 -3.04
CA GLY A 41 -10.53 -7.25 -4.45
C GLY A 41 -10.17 -5.90 -5.05
N LEU A 42 -9.14 -5.26 -4.50
CA LEU A 42 -8.71 -3.96 -4.97
C LEU A 42 -7.96 -4.06 -6.30
N GLY A 43 -8.22 -3.13 -7.19
CA GLY A 43 -7.58 -3.12 -8.50
C GLY A 43 -6.15 -2.62 -8.41
N LYS A 44 -5.33 -2.98 -9.40
CA LYS A 44 -3.92 -2.60 -9.40
C LYS A 44 -3.75 -1.09 -9.41
N ALA A 45 -4.49 -0.43 -10.29
CA ALA A 45 -4.45 1.03 -10.38
C ALA A 45 -4.97 1.67 -9.10
N ALA A 46 -5.99 1.07 -8.52
CA ALA A 46 -6.58 1.57 -7.28
C ALA A 46 -5.59 1.49 -6.12
N VAL A 47 -4.86 0.39 -6.05
CA VAL A 47 -3.88 0.18 -4.99
C VAL A 47 -2.69 1.13 -5.14
N VAL A 48 -2.14 1.18 -6.34
CA VAL A 48 -0.98 2.02 -6.61
C VAL A 48 -1.30 3.49 -6.40
N LYS A 49 -2.46 3.91 -6.89
CA LYS A 49 -2.92 5.28 -6.70
C LYS A 49 -3.14 5.59 -5.22
N ALA A 50 -3.79 4.66 -4.52
CA ALA A 50 -4.06 4.83 -3.10
C ALA A 50 -2.78 4.90 -2.29
N LEU A 51 -1.79 4.12 -2.69
CA LEU A 51 -0.48 4.11 -2.04
C LEU A 51 0.17 5.48 -2.12
N ASP A 52 0.15 6.07 -3.30
CA ASP A 52 0.70 7.42 -3.51
C ASP A 52 -0.16 8.47 -2.81
N GLN A 53 -1.47 8.25 -2.79
CA GLN A 53 -2.39 9.17 -2.14
C GLN A 53 -2.15 9.20 -0.64
N LEU A 54 -1.92 8.04 -0.06
CA LEU A 54 -1.63 7.93 1.37
C LEU A 54 -0.31 8.62 1.71
N ALA A 55 0.73 8.31 0.95
CA ALA A 55 2.05 8.89 1.18
C ALA A 55 2.04 10.39 0.96
N GLN A 56 1.19 10.84 0.05
CA GLN A 56 1.05 12.27 -0.23
C GLN A 56 0.46 13.01 0.97
N GLU A 57 -0.45 12.35 1.68
CA GLU A 57 -1.11 12.95 2.83
C GLU A 57 -0.31 12.72 4.10
N GLY A 58 0.72 11.89 4.02
CA GLY A 58 1.58 11.62 5.16
C GLY A 58 1.01 10.50 6.02
N LYS A 59 0.19 9.65 5.43
CA LYS A 59 -0.41 8.53 6.13
C LYS A 59 0.55 7.35 6.20
N ILE A 60 1.35 7.18 5.15
CA ILE A 60 2.34 6.12 5.10
C ILE A 60 3.68 6.64 4.59
N LYS A 61 4.73 5.85 4.80
CA LYS A 61 6.06 6.21 4.31
C LYS A 61 6.42 5.41 3.06
N GLU A 62 7.23 6.01 2.19
CA GLU A 62 7.56 5.41 0.91
C GLU A 62 9.07 5.31 0.72
N LYS A 63 9.51 4.18 0.18
CA LYS A 63 10.91 4.00 -0.17
C LYS A 63 11.06 3.10 -1.39
N THR A 64 11.81 3.56 -2.38
CA THR A 64 12.02 2.81 -3.60
C THR A 64 13.16 1.81 -3.46
N TYR A 65 12.88 0.55 -3.76
CA TYR A 65 13.87 -0.52 -3.62
C TYR A 65 14.04 -1.27 -4.94
N GLY A 66 15.16 -1.05 -5.61
CA GLY A 66 15.40 -1.64 -6.92
C GLY A 66 14.59 -0.94 -8.00
N LYS A 67 13.72 -1.69 -8.65
CA LYS A 67 12.86 -1.14 -9.70
C LYS A 67 11.44 -0.94 -9.19
N GLN A 68 11.16 -1.46 -8.00
CA GLN A 68 9.83 -1.38 -7.41
C GLN A 68 9.81 -0.46 -6.20
N LYS A 69 8.62 -0.08 -5.76
CA LYS A 69 8.46 0.77 -4.59
C LYS A 69 7.94 -0.02 -3.40
N ILE A 70 8.39 0.35 -2.21
CA ILE A 70 7.92 -0.29 -0.98
C ILE A 70 7.23 0.72 -0.07
N TYR A 71 6.06 0.36 0.44
CA TYR A 71 5.29 1.23 1.30
C TYR A 71 5.05 0.60 2.67
N PHE A 72 4.98 1.43 3.70
CA PHE A 72 4.65 0.97 5.05
C PHE A 72 4.11 2.10 5.90
N ALA A 73 3.24 1.75 6.85
CA ALA A 73 2.64 2.73 7.73
C ALA A 73 3.54 3.04 8.92
N ASP A 74 3.52 4.29 9.37
CA ASP A 74 4.35 4.71 10.50
C ASP A 74 3.90 6.04 11.04
N GLY A 11 -11.82 4.21 -0.77
CA GLY A 11 -11.88 3.14 0.22
C GLY A 11 -10.57 2.36 0.28
N ALA A 12 -9.86 2.32 -0.85
CA ALA A 12 -8.63 1.55 -0.95
C ALA A 12 -7.55 2.10 -0.03
N PRO A 13 -7.44 3.43 0.02
CA PRO A 13 -6.47 4.08 0.90
C PRO A 13 -6.66 3.66 2.35
N GLY A 14 -7.91 3.55 2.77
CA GLY A 14 -8.23 3.13 4.13
C GLY A 14 -7.87 1.67 4.36
N ILE A 15 -8.15 0.84 3.36
CA ILE A 15 -7.83 -0.58 3.44
C ILE A 15 -6.32 -0.79 3.54
N ILE A 16 -5.58 -0.08 2.71
CA ILE A 16 -4.13 -0.23 2.65
C ILE A 16 -3.47 0.27 3.93
N LEU A 17 -3.90 1.44 4.39
CA LEU A 17 -3.35 2.03 5.60
C LEU A 17 -3.59 1.14 6.81
N ARG A 18 -4.83 0.65 6.94
CA ARG A 18 -5.18 -0.24 8.03
C ARG A 18 -4.44 -1.57 7.91
N TYR A 19 -4.23 -2.01 6.68
CA TYR A 19 -3.46 -3.23 6.43
C TYR A 19 -2.02 -3.08 6.92
N LEU A 20 -1.38 -1.98 6.54
CA LEU A 20 0.02 -1.75 6.88
C LEU A 20 0.20 -1.59 8.39
N GLN A 21 -0.78 -0.98 9.04
CA GLN A 21 -0.76 -0.81 10.48
C GLN A 21 -1.04 -2.12 11.19
N GLU A 22 -1.91 -2.93 10.61
CA GLU A 22 -2.27 -4.23 11.18
C GLU A 22 -1.07 -5.17 11.19
N GLN A 23 -0.33 -5.17 10.09
CA GLN A 23 0.81 -6.07 9.93
C GLN A 23 2.07 -5.51 10.58
N ASN A 24 2.21 -4.19 10.50
CA ASN A 24 3.39 -3.52 11.03
C ASN A 24 4.64 -3.93 10.28
N ARG A 25 4.49 -4.19 8.99
CA ARG A 25 5.60 -4.64 8.16
C ARG A 25 5.60 -3.93 6.81
N PRO A 26 6.79 -3.76 6.23
CA PRO A 26 6.93 -3.14 4.92
C PRO A 26 6.47 -4.08 3.82
N TYR A 27 5.72 -3.55 2.87
CA TYR A 27 5.27 -4.32 1.72
C TYR A 27 5.45 -3.53 0.42
N SER A 28 5.89 -4.23 -0.63
CA SER A 28 6.07 -3.60 -1.94
C SER A 28 4.73 -3.25 -2.57
N ALA A 29 4.78 -2.42 -3.61
CA ALA A 29 3.59 -2.11 -4.39
C ALA A 29 2.89 -3.37 -4.88
N GLN A 30 3.69 -4.39 -5.21
CA GLN A 30 3.15 -5.66 -5.68
C GLN A 30 2.61 -6.49 -4.52
N ASP A 31 3.30 -6.42 -3.39
CA ASP A 31 2.85 -7.11 -2.18
C ASP A 31 1.47 -6.63 -1.75
N VAL A 32 1.32 -5.31 -1.66
CA VAL A 32 0.08 -4.72 -1.19
C VAL A 32 -1.09 -5.05 -2.11
N PHE A 33 -0.86 -4.88 -3.41
CA PHE A 33 -1.87 -5.21 -4.42
C PHE A 33 -2.26 -6.68 -4.35
N GLY A 34 -1.27 -7.55 -4.49
CA GLY A 34 -1.52 -8.99 -4.57
C GLY A 34 -2.29 -9.48 -3.34
N ASN A 35 -1.89 -9.00 -2.17
CA ASN A 35 -2.48 -9.47 -0.91
C ASN A 35 -3.91 -8.96 -0.75
N LEU A 36 -4.13 -7.70 -1.11
CA LEU A 36 -5.44 -7.08 -0.96
C LEU A 36 -6.33 -7.38 -2.15
N GLN A 37 -5.75 -7.94 -3.21
CA GLN A 37 -6.51 -8.42 -4.34
C GLN A 37 -7.34 -9.64 -3.98
N LYS A 38 -6.78 -10.51 -3.15
CA LYS A 38 -7.45 -11.74 -2.76
C LYS A 38 -8.39 -11.51 -1.59
N GLU A 39 -8.05 -10.56 -0.74
CA GLU A 39 -8.79 -10.32 0.49
C GLU A 39 -9.96 -9.37 0.25
N HIS A 40 -9.71 -8.30 -0.49
CA HIS A 40 -10.70 -7.24 -0.66
C HIS A 40 -11.14 -7.13 -2.12
N GLY A 41 -10.19 -7.36 -3.04
CA GLY A 41 -10.50 -7.34 -4.46
C GLY A 41 -10.19 -5.97 -5.05
N LEU A 42 -9.17 -5.31 -4.50
CA LEU A 42 -8.75 -3.99 -4.99
C LEU A 42 -8.03 -4.11 -6.32
N GLY A 43 -8.27 -3.14 -7.21
CA GLY A 43 -7.63 -3.13 -8.52
C GLY A 43 -6.19 -2.62 -8.43
N LYS A 44 -5.41 -2.92 -9.47
CA LYS A 44 -4.00 -2.55 -9.47
C LYS A 44 -3.82 -1.03 -9.46
N ALA A 45 -4.55 -0.35 -10.34
CA ALA A 45 -4.52 1.11 -10.39
C ALA A 45 -5.06 1.71 -9.11
N ALA A 46 -6.08 1.09 -8.54
CA ALA A 46 -6.68 1.55 -7.31
C ALA A 46 -5.69 1.52 -6.16
N VAL A 47 -4.94 0.42 -6.06
CA VAL A 47 -3.96 0.25 -4.99
C VAL A 47 -2.80 1.22 -5.14
N VAL A 48 -2.28 1.32 -6.37
CA VAL A 48 -1.12 2.17 -6.63
C VAL A 48 -1.46 3.64 -6.42
N LYS A 49 -2.63 4.05 -6.90
CA LYS A 49 -3.09 5.42 -6.71
C LYS A 49 -3.40 5.70 -5.24
N ALA A 50 -3.90 4.69 -4.54
CA ALA A 50 -4.17 4.81 -3.12
C ALA A 50 -2.88 4.92 -2.32
N LEU A 51 -1.85 4.21 -2.77
CA LEU A 51 -0.53 4.29 -2.14
C LEU A 51 0.07 5.68 -2.30
N ASP A 52 -0.10 6.26 -3.48
CA ASP A 52 0.36 7.62 -3.73
C ASP A 52 -0.48 8.64 -2.97
N GLN A 53 -1.77 8.35 -2.84
CA GLN A 53 -2.68 9.22 -2.10
C GLN A 53 -2.32 9.25 -0.62
N LEU A 54 -2.03 8.07 -0.07
CA LEU A 54 -1.64 7.97 1.34
C LEU A 54 -0.31 8.66 1.59
N ALA A 55 0.65 8.43 0.71
CA ALA A 55 1.97 9.04 0.82
C ALA A 55 1.89 10.56 0.70
N GLN A 56 0.98 11.03 -0.15
CA GLN A 56 0.76 12.46 -0.32
C GLN A 56 0.17 13.08 0.94
N GLU A 57 -0.74 12.36 1.58
CA GLU A 57 -1.39 12.83 2.80
C GLU A 57 -0.45 12.71 4.00
N GLY A 58 0.53 11.82 3.88
CA GLY A 58 1.49 11.61 4.96
C GLY A 58 1.05 10.48 5.88
N LYS A 59 0.21 9.59 5.36
CA LYS A 59 -0.29 8.47 6.13
C LYS A 59 0.71 7.31 6.14
N ILE A 60 1.47 7.18 5.05
CA ILE A 60 2.47 6.13 4.95
C ILE A 60 3.78 6.68 4.39
N LYS A 61 4.85 5.91 4.55
CA LYS A 61 6.16 6.31 4.05
C LYS A 61 6.55 5.49 2.82
N GLU A 62 7.32 6.10 1.92
CA GLU A 62 7.67 5.47 0.65
C GLU A 62 9.17 5.29 0.52
N LYS A 63 9.59 4.09 0.14
CA LYS A 63 11.00 3.85 -0.20
C LYS A 63 11.13 3.21 -1.58
N THR A 64 12.30 3.35 -2.18
CA THR A 64 12.59 2.72 -3.46
C THR A 64 13.54 1.55 -3.30
N TYR A 65 13.11 0.38 -3.77
CA TYR A 65 13.93 -0.83 -3.65
C TYR A 65 14.05 -1.53 -5.00
N GLY A 66 15.20 -1.35 -5.65
CA GLY A 66 15.44 -1.91 -6.97
C GLY A 66 14.70 -1.12 -8.04
N LYS A 67 13.74 -1.77 -8.69
CA LYS A 67 12.91 -1.11 -9.70
C LYS A 67 11.50 -0.86 -9.18
N GLN A 68 11.20 -1.41 -8.01
CA GLN A 68 9.87 -1.27 -7.41
C GLN A 68 9.91 -0.39 -6.18
N LYS A 69 8.73 -0.05 -5.67
CA LYS A 69 8.63 0.78 -4.47
C LYS A 69 8.07 -0.02 -3.30
N ILE A 70 8.46 0.36 -2.09
CA ILE A 70 7.97 -0.30 -0.88
C ILE A 70 7.29 0.70 0.05
N TYR A 71 6.11 0.35 0.54
CA TYR A 71 5.34 1.23 1.39
C TYR A 71 5.12 0.63 2.77
N PHE A 72 5.08 1.48 3.80
CA PHE A 72 4.79 1.03 5.15
C PHE A 72 4.20 2.17 5.98
N ALA A 73 3.37 1.81 6.95
CA ALA A 73 2.75 2.78 7.84
C ALA A 73 3.55 2.97 9.11
N ASP A 74 4.14 4.15 9.28
CA ASP A 74 4.96 4.44 10.44
C ASP A 74 4.10 4.68 11.68
N GLY A 11 -12.50 3.12 -0.87
CA GLY A 11 -11.77 3.25 0.39
C GLY A 11 -10.50 2.42 0.38
N ALA A 12 -9.80 2.40 -0.74
CA ALA A 12 -8.59 1.61 -0.89
C ALA A 12 -7.50 2.12 0.04
N PRO A 13 -7.37 3.44 0.13
CA PRO A 13 -6.39 4.05 1.03
C PRO A 13 -6.58 3.56 2.46
N GLY A 14 -7.84 3.46 2.89
CA GLY A 14 -8.14 2.99 4.23
C GLY A 14 -7.81 1.51 4.39
N ILE A 15 -8.08 0.73 3.35
CA ILE A 15 -7.77 -0.69 3.36
C ILE A 15 -6.27 -0.93 3.45
N ILE A 16 -5.51 -0.19 2.67
CA ILE A 16 -4.06 -0.37 2.62
C ILE A 16 -3.39 0.13 3.89
N LEU A 17 -3.85 1.27 4.38
CA LEU A 17 -3.32 1.84 5.62
C LEU A 17 -3.59 0.91 6.80
N ARG A 18 -4.81 0.37 6.86
CA ARG A 18 -5.16 -0.61 7.88
C ARG A 18 -4.34 -1.89 7.71
N TYR A 19 -4.18 -2.31 6.46
CA TYR A 19 -3.35 -3.48 6.15
C TYR A 19 -1.94 -3.32 6.70
N LEU A 20 -1.33 -2.18 6.40
CA LEU A 20 0.05 -1.91 6.82
C LEU A 20 0.13 -1.72 8.32
N GLN A 21 -0.93 -1.17 8.91
CA GLN A 21 -0.97 -0.93 10.34
C GLN A 21 -1.05 -2.23 11.12
N GLU A 22 -1.91 -3.13 10.67
CA GLU A 22 -2.15 -4.39 11.37
C GLU A 22 -0.97 -5.34 11.21
N GLN A 23 -0.35 -5.31 10.04
CA GLN A 23 0.81 -6.14 9.76
C GLN A 23 2.07 -5.56 10.39
N ASN A 24 2.15 -4.23 10.40
CA ASN A 24 3.30 -3.53 10.97
C ASN A 24 4.59 -3.92 10.26
N ARG A 25 4.48 -4.17 8.96
CA ARG A 25 5.64 -4.57 8.17
C ARG A 25 5.63 -3.91 6.80
N PRO A 26 6.82 -3.66 6.25
CA PRO A 26 6.95 -3.07 4.92
C PRO A 26 6.58 -4.07 3.84
N TYR A 27 5.80 -3.62 2.86
CA TYR A 27 5.45 -4.45 1.71
C TYR A 27 5.60 -3.67 0.41
N SER A 28 5.94 -4.38 -0.66
CA SER A 28 6.02 -3.78 -1.98
C SER A 28 4.63 -3.45 -2.53
N ALA A 29 4.57 -2.55 -3.50
CA ALA A 29 3.33 -2.24 -4.19
C ALA A 29 2.67 -3.50 -4.74
N GLN A 30 3.48 -4.44 -5.18
CA GLN A 30 2.98 -5.69 -5.74
C GLN A 30 2.46 -6.62 -4.66
N ASP A 31 3.16 -6.64 -3.53
CA ASP A 31 2.76 -7.46 -2.40
C ASP A 31 1.46 -6.96 -1.77
N VAL A 32 1.33 -5.64 -1.69
CA VAL A 32 0.11 -5.02 -1.17
C VAL A 32 -1.08 -5.33 -2.07
N PHE A 33 -0.91 -5.11 -3.37
CA PHE A 33 -1.93 -5.45 -4.35
C PHE A 33 -2.29 -6.92 -4.28
N GLY A 34 -1.27 -7.78 -4.35
CA GLY A 34 -1.49 -9.22 -4.45
C GLY A 34 -2.35 -9.72 -3.31
N ASN A 35 -2.06 -9.27 -2.10
CA ASN A 35 -2.76 -9.75 -0.91
C ASN A 35 -4.16 -9.14 -0.82
N LEU A 36 -4.28 -7.87 -1.22
CA LEU A 36 -5.55 -7.17 -1.14
C LEU A 36 -6.38 -7.38 -2.40
N GLN A 37 -5.81 -8.10 -3.37
CA GLN A 37 -6.55 -8.49 -4.56
C GLN A 37 -7.55 -9.59 -4.24
N LYS A 38 -7.15 -10.53 -3.39
CA LYS A 38 -8.01 -11.64 -3.00
C LYS A 38 -8.76 -11.34 -1.71
N GLU A 39 -8.22 -10.43 -0.91
CA GLU A 39 -8.79 -10.11 0.39
C GLU A 39 -9.98 -9.17 0.25
N HIS A 40 -9.80 -8.11 -0.53
CA HIS A 40 -10.81 -7.07 -0.67
C HIS A 40 -11.26 -6.93 -2.11
N GLY A 41 -10.32 -7.11 -3.04
CA GLY A 41 -10.62 -7.05 -4.46
C GLY A 41 -10.16 -5.74 -5.08
N LEU A 42 -9.08 -5.19 -4.53
CA LEU A 42 -8.53 -3.94 -5.03
C LEU A 42 -7.76 -4.14 -6.33
N GLY A 43 -7.93 -3.21 -7.27
CA GLY A 43 -7.27 -3.29 -8.56
C GLY A 43 -5.88 -2.69 -8.50
N LYS A 44 -5.12 -2.85 -9.59
CA LYS A 44 -3.75 -2.35 -9.64
C LYS A 44 -3.71 -0.83 -9.55
N ALA A 45 -4.57 -0.17 -10.32
CA ALA A 45 -4.65 1.28 -10.30
C ALA A 45 -5.15 1.78 -8.95
N ALA A 46 -6.12 1.07 -8.38
CA ALA A 46 -6.68 1.44 -7.09
C ALA A 46 -5.63 1.43 -5.99
N VAL A 47 -4.82 0.38 -5.98
CA VAL A 47 -3.79 0.22 -4.95
C VAL A 47 -2.70 1.26 -5.10
N VAL A 48 -2.19 1.41 -6.32
CA VAL A 48 -1.08 2.32 -6.58
C VAL A 48 -1.48 3.76 -6.32
N LYS A 49 -2.66 4.13 -6.77
CA LYS A 49 -3.17 5.49 -6.56
C LYS A 49 -3.46 5.74 -5.08
N ALA A 50 -3.95 4.71 -4.40
CA ALA A 50 -4.21 4.79 -2.97
C ALA A 50 -2.92 4.94 -2.18
N LEU A 51 -1.86 4.26 -2.65
CA LEU A 51 -0.55 4.38 -2.04
C LEU A 51 0.00 5.78 -2.17
N ASP A 52 -0.19 6.38 -3.35
CA ASP A 52 0.20 7.76 -3.58
C ASP A 52 -0.64 8.73 -2.76
N GLN A 53 -1.92 8.40 -2.62
CA GLN A 53 -2.83 9.22 -1.82
C GLN A 53 -2.43 9.21 -0.35
N LEU A 54 -2.11 8.04 0.17
CA LEU A 54 -1.69 7.90 1.55
C LEU A 54 -0.38 8.62 1.82
N ALA A 55 0.58 8.45 0.91
CA ALA A 55 1.89 9.08 1.05
C ALA A 55 1.77 10.59 0.96
N GLN A 56 0.86 11.07 0.13
CA GLN A 56 0.60 12.50 0.00
C GLN A 56 0.02 13.07 1.29
N GLU A 57 -0.86 12.30 1.92
CA GLU A 57 -1.48 12.72 3.17
C GLU A 57 -0.50 12.59 4.34
N GLY A 58 0.48 11.72 4.18
CA GLY A 58 1.48 11.48 5.22
C GLY A 58 1.08 10.32 6.12
N LYS A 59 0.25 9.44 5.59
CA LYS A 59 -0.21 8.26 6.34
C LYS A 59 0.80 7.13 6.24
N ILE A 60 1.45 7.00 5.07
CA ILE A 60 2.48 6.00 4.87
C ILE A 60 3.75 6.61 4.31
N LYS A 61 4.85 5.86 4.37
CA LYS A 61 6.10 6.28 3.75
C LYS A 61 6.55 5.27 2.71
N GLU A 62 7.50 5.68 1.87
CA GLU A 62 7.92 4.86 0.74
C GLU A 62 9.44 4.88 0.59
N LYS A 63 10.00 3.76 0.15
CA LYS A 63 11.42 3.69 -0.18
C LYS A 63 11.63 3.00 -1.52
N THR A 64 12.57 3.52 -2.31
CA THR A 64 12.84 2.97 -3.63
C THR A 64 13.99 1.99 -3.59
N TYR A 65 13.72 0.74 -3.97
CA TYR A 65 14.76 -0.28 -4.07
C TYR A 65 14.81 -0.88 -5.47
N GLY A 66 15.50 -0.20 -6.37
CA GLY A 66 15.61 -0.64 -7.76
C GLY A 66 14.29 -0.42 -8.51
N LYS A 67 13.66 -1.51 -8.91
CA LYS A 67 12.40 -1.43 -9.64
C LYS A 67 11.21 -1.71 -8.72
N GLN A 68 11.50 -1.93 -7.43
CA GLN A 68 10.47 -2.25 -6.46
C GLN A 68 10.26 -1.10 -5.49
N LYS A 69 9.04 -0.59 -5.44
CA LYS A 69 8.66 0.45 -4.48
C LYS A 69 8.08 -0.17 -3.21
N ILE A 70 8.70 0.14 -2.08
CA ILE A 70 8.30 -0.45 -0.81
C ILE A 70 7.54 0.56 0.06
N TYR A 71 6.38 0.17 0.55
CA TYR A 71 5.53 1.07 1.32
C TYR A 71 5.29 0.52 2.72
N PHE A 72 5.18 1.42 3.69
CA PHE A 72 4.88 1.04 5.08
C PHE A 72 4.20 2.17 5.83
N ALA A 73 3.36 1.81 6.78
CA ALA A 73 2.59 2.79 7.54
C ALA A 73 3.46 3.54 8.54
N ASP A 74 3.16 4.82 8.74
CA ASP A 74 3.92 5.64 9.66
C ASP A 74 3.32 7.04 9.76
N GLY A 11 -11.84 4.14 -0.61
CA GLY A 11 -11.89 3.05 0.37
C GLY A 11 -10.57 2.29 0.41
N ALA A 12 -9.87 2.28 -0.72
CA ALA A 12 -8.63 1.52 -0.84
C ALA A 12 -7.55 2.05 0.10
N PRO A 13 -7.46 3.38 0.17
CA PRO A 13 -6.49 4.02 1.06
C PRO A 13 -6.68 3.56 2.50
N GLY A 14 -7.94 3.46 2.92
CA GLY A 14 -8.26 3.01 4.27
C GLY A 14 -7.89 1.55 4.47
N ILE A 15 -8.14 0.73 3.46
CA ILE A 15 -7.80 -0.68 3.51
C ILE A 15 -6.30 -0.90 3.62
N ILE A 16 -5.54 -0.15 2.81
CA ILE A 16 -4.10 -0.30 2.77
C ILE A 16 -3.46 0.18 4.07
N LEU A 17 -3.92 1.33 4.56
CA LEU A 17 -3.37 1.92 5.77
C LEU A 17 -3.60 1.02 6.98
N ARG A 18 -4.82 0.49 7.08
CA ARG A 18 -5.17 -0.43 8.16
C ARG A 18 -4.41 -1.74 8.01
N TYR A 19 -4.28 -2.21 6.78
CA TYR A 19 -3.49 -3.40 6.49
C TYR A 19 -2.06 -3.26 6.99
N LEU A 20 -1.42 -2.14 6.65
CA LEU A 20 -0.05 -1.89 7.04
C LEU A 20 0.06 -1.67 8.55
N GLN A 21 -1.00 -1.12 9.14
CA GLN A 21 -1.04 -0.89 10.58
C GLN A 21 -1.12 -2.19 11.35
N GLU A 22 -1.99 -3.09 10.90
CA GLU A 22 -2.22 -4.35 11.59
C GLU A 22 -1.03 -5.29 11.43
N GLN A 23 -0.42 -5.27 10.25
CA GLN A 23 0.73 -6.12 9.97
C GLN A 23 2.00 -5.53 10.57
N ASN A 24 2.10 -4.21 10.56
CA ASN A 24 3.27 -3.52 11.09
C ASN A 24 4.53 -3.94 10.35
N ARG A 25 4.40 -4.20 9.05
CA ARG A 25 5.52 -4.64 8.24
C ARG A 25 5.52 -3.95 6.88
N PRO A 26 6.71 -3.74 6.33
CA PRO A 26 6.85 -3.16 4.99
C PRO A 26 6.44 -4.15 3.91
N TYR A 27 5.66 -3.68 2.95
CA TYR A 27 5.27 -4.51 1.81
C TYR A 27 5.45 -3.75 0.49
N SER A 28 5.91 -4.46 -0.53
CA SER A 28 6.12 -3.86 -1.84
C SER A 28 4.81 -3.44 -2.48
N ALA A 29 4.90 -2.59 -3.49
CA ALA A 29 3.72 -2.19 -4.26
C ALA A 29 2.98 -3.40 -4.81
N GLN A 30 3.74 -4.46 -5.10
CA GLN A 30 3.16 -5.68 -5.66
C GLN A 30 2.59 -6.57 -4.57
N ASP A 31 3.25 -6.56 -3.41
CA ASP A 31 2.78 -7.34 -2.27
C ASP A 31 1.46 -6.80 -1.74
N VAL A 32 1.36 -5.48 -1.64
CA VAL A 32 0.15 -4.84 -1.16
C VAL A 32 -1.03 -5.11 -2.10
N PHE A 33 -0.79 -4.90 -3.40
CA PHE A 33 -1.81 -5.17 -4.41
C PHE A 33 -2.21 -6.64 -4.40
N GLY A 34 -1.23 -7.52 -4.54
CA GLY A 34 -1.49 -8.95 -4.66
C GLY A 34 -2.32 -9.45 -3.49
N ASN A 35 -1.95 -9.03 -2.28
CA ASN A 35 -2.62 -9.51 -1.07
C ASN A 35 -4.03 -8.97 -0.96
N LEU A 36 -4.19 -7.69 -1.30
CA LEU A 36 -5.48 -7.02 -1.18
C LEU A 36 -6.34 -7.25 -2.42
N GLN A 37 -5.74 -7.85 -3.43
CA GLN A 37 -6.48 -8.29 -4.61
C GLN A 37 -7.33 -9.52 -4.30
N LYS A 38 -6.81 -10.39 -3.45
CA LYS A 38 -7.50 -11.62 -3.10
C LYS A 38 -8.42 -11.43 -1.89
N GLU A 39 -8.00 -10.57 -0.98
CA GLU A 39 -8.71 -10.38 0.28
C GLU A 39 -9.85 -9.37 0.12
N HIS A 40 -9.54 -8.22 -0.46
CA HIS A 40 -10.50 -7.12 -0.53
C HIS A 40 -10.96 -6.88 -1.96
N GLY A 41 -10.16 -7.33 -2.91
CA GLY A 41 -10.55 -7.27 -4.32
C GLY A 41 -10.21 -5.92 -4.93
N LEU A 42 -9.17 -5.29 -4.41
CA LEU A 42 -8.73 -3.98 -4.90
C LEU A 42 -8.01 -4.10 -6.23
N GLY A 43 -8.23 -3.14 -7.12
CA GLY A 43 -7.61 -3.16 -8.44
C GLY A 43 -6.19 -2.63 -8.39
N LYS A 44 -5.46 -2.83 -9.48
CA LYS A 44 -4.05 -2.41 -9.54
C LYS A 44 -3.93 -0.90 -9.45
N ALA A 45 -4.69 -0.18 -10.27
CA ALA A 45 -4.68 1.27 -10.25
C ALA A 45 -5.21 1.80 -8.92
N ALA A 46 -6.19 1.12 -8.36
CA ALA A 46 -6.79 1.53 -7.09
C ALA A 46 -5.77 1.49 -5.96
N VAL A 47 -5.00 0.41 -5.91
CA VAL A 47 -3.99 0.23 -4.86
C VAL A 47 -2.85 1.23 -5.03
N VAL A 48 -2.34 1.34 -6.24
CA VAL A 48 -1.19 2.19 -6.52
C VAL A 48 -1.53 3.67 -6.28
N LYS A 49 -2.71 4.07 -6.74
CA LYS A 49 -3.18 5.45 -6.53
C LYS A 49 -3.48 5.71 -5.06
N ALA A 50 -3.97 4.68 -4.37
CA ALA A 50 -4.23 4.77 -2.94
C ALA A 50 -2.94 4.89 -2.15
N LEU A 51 -1.90 4.21 -2.63
CA LEU A 51 -0.58 4.31 -2.02
C LEU A 51 -0.01 5.72 -2.17
N ASP A 52 -0.19 6.31 -3.34
CA ASP A 52 0.22 7.68 -3.59
C ASP A 52 -0.61 8.66 -2.79
N GLN A 53 -1.91 8.35 -2.64
CA GLN A 53 -2.80 9.18 -1.85
C GLN A 53 -2.41 9.20 -0.38
N LEU A 54 -2.11 8.02 0.16
CA LEU A 54 -1.70 7.90 1.55
C LEU A 54 -0.38 8.59 1.80
N ALA A 55 0.57 8.37 0.89
CA ALA A 55 1.91 8.98 1.02
C ALA A 55 1.84 10.49 0.92
N GLN A 56 0.95 10.98 0.07
CA GLN A 56 0.73 12.42 -0.07
C GLN A 56 0.15 13.02 1.19
N GLU A 57 -0.77 12.29 1.81
CA GLU A 57 -1.39 12.73 3.06
C GLU A 57 -0.41 12.65 4.21
N GLY A 58 0.52 11.70 4.13
CA GLY A 58 1.50 11.51 5.19
C GLY A 58 1.12 10.35 6.09
N LYS A 59 0.29 9.45 5.57
CA LYS A 59 -0.17 8.29 6.34
C LYS A 59 0.83 7.15 6.25
N ILE A 60 1.46 7.00 5.08
CA ILE A 60 2.46 5.97 4.88
C ILE A 60 3.74 6.55 4.28
N LYS A 61 4.84 5.82 4.42
CA LYS A 61 6.10 6.21 3.80
C LYS A 61 6.52 5.20 2.73
N GLU A 62 7.22 5.68 1.72
CA GLU A 62 7.65 4.83 0.61
C GLU A 62 9.15 4.93 0.38
N LYS A 63 9.77 3.82 -0.01
CA LYS A 63 11.16 3.83 -0.44
C LYS A 63 11.36 2.96 -1.67
N THR A 64 12.19 3.43 -2.60
CA THR A 64 12.45 2.73 -3.84
C THR A 64 13.61 1.76 -3.70
N TYR A 65 13.33 0.47 -3.89
CA TYR A 65 14.36 -0.55 -3.82
C TYR A 65 14.58 -1.22 -5.17
N GLY A 66 15.56 -0.72 -5.93
CA GLY A 66 15.82 -1.22 -7.27
C GLY A 66 14.79 -0.68 -8.26
N LYS A 67 13.99 -1.59 -8.81
CA LYS A 67 12.97 -1.22 -9.79
C LYS A 67 11.58 -1.21 -9.17
N GLN A 68 11.50 -1.60 -7.91
CA GLN A 68 10.22 -1.67 -7.20
C GLN A 68 10.21 -0.77 -5.98
N LYS A 69 9.02 -0.39 -5.52
CA LYS A 69 8.87 0.42 -4.33
C LYS A 69 8.27 -0.38 -3.18
N ILE A 70 8.64 -0.02 -1.96
CA ILE A 70 8.06 -0.65 -0.77
C ILE A 70 7.40 0.39 0.13
N TYR A 71 6.19 0.06 0.60
CA TYR A 71 5.40 1.00 1.38
C TYR A 71 5.16 0.47 2.80
N PHE A 72 5.12 1.36 3.77
CA PHE A 72 4.83 1.00 5.15
C PHE A 72 4.18 2.15 5.89
N ALA A 73 3.33 1.81 6.87
CA ALA A 73 2.58 2.82 7.61
C ALA A 73 3.47 3.56 8.60
N ASP A 74 3.20 4.84 8.78
CA ASP A 74 3.99 5.66 9.70
C ASP A 74 3.43 7.08 9.78
N GLY A 11 -11.77 4.02 -0.76
CA GLY A 11 -11.82 2.94 0.22
C GLY A 11 -10.49 2.19 0.29
N ALA A 12 -9.77 2.18 -0.83
CA ALA A 12 -8.52 1.44 -0.92
C ALA A 12 -7.48 2.00 0.02
N PRO A 13 -7.38 3.33 0.07
CA PRO A 13 -6.43 4.00 0.95
C PRO A 13 -6.62 3.57 2.40
N GLY A 14 -7.88 3.43 2.81
CA GLY A 14 -8.20 3.03 4.18
C GLY A 14 -7.84 1.57 4.42
N ILE A 15 -8.11 0.73 3.43
CA ILE A 15 -7.78 -0.69 3.52
C ILE A 15 -6.28 -0.90 3.61
N ILE A 16 -5.54 -0.16 2.78
CA ILE A 16 -4.08 -0.31 2.73
C ILE A 16 -3.43 0.20 4.01
N LEU A 17 -3.86 1.38 4.46
CA LEU A 17 -3.32 1.98 5.68
C LEU A 17 -3.56 1.08 6.89
N ARG A 18 -4.81 0.62 7.02
CA ARG A 18 -5.16 -0.31 8.10
C ARG A 18 -4.36 -1.60 7.98
N TYR A 19 -4.24 -2.12 6.76
CA TYR A 19 -3.47 -3.32 6.50
C TYR A 19 -2.05 -3.18 7.00
N LEU A 20 -1.40 -2.08 6.61
CA LEU A 20 0.01 -1.88 6.92
C LEU A 20 0.24 -1.75 8.42
N GLN A 21 -0.70 -1.11 9.10
CA GLN A 21 -0.61 -0.90 10.54
C GLN A 21 -0.80 -2.21 11.30
N GLU A 22 -1.78 -2.99 10.86
CA GLU A 22 -2.11 -4.25 11.53
C GLU A 22 -1.00 -5.28 11.34
N GLN A 23 -0.33 -5.22 10.20
CA GLN A 23 0.80 -6.11 9.91
C GLN A 23 2.07 -5.59 10.55
N ASN A 24 2.18 -4.27 10.68
CA ASN A 24 3.32 -3.64 11.31
C ASN A 24 4.62 -4.03 10.61
N ARG A 25 4.60 -3.98 9.29
CA ARG A 25 5.77 -4.31 8.48
C ARG A 25 5.60 -3.86 7.04
N PRO A 26 6.71 -3.62 6.36
CA PRO A 26 6.70 -3.02 5.03
C PRO A 26 6.31 -4.04 3.97
N TYR A 27 5.61 -3.57 2.94
CA TYR A 27 5.31 -4.41 1.79
C TYR A 27 5.59 -3.68 0.48
N SER A 28 5.96 -4.43 -0.55
CA SER A 28 6.15 -3.86 -1.88
C SER A 28 4.81 -3.52 -2.53
N ALA A 29 4.86 -2.70 -3.57
CA ALA A 29 3.66 -2.35 -4.33
C ALA A 29 2.95 -3.60 -4.83
N GLN A 30 3.73 -4.61 -5.21
CA GLN A 30 3.17 -5.86 -5.72
C GLN A 30 2.59 -6.70 -4.60
N ASP A 31 3.26 -6.68 -3.45
CA ASP A 31 2.80 -7.45 -2.29
C ASP A 31 1.49 -6.90 -1.75
N VAL A 32 1.39 -5.58 -1.68
CA VAL A 32 0.18 -4.93 -1.19
C VAL A 32 -1.01 -5.23 -2.09
N PHE A 33 -0.82 -5.07 -3.40
CA PHE A 33 -1.86 -5.37 -4.36
C PHE A 33 -2.27 -6.83 -4.29
N GLY A 34 -1.30 -7.72 -4.44
CA GLY A 34 -1.58 -9.16 -4.50
C GLY A 34 -2.37 -9.62 -3.28
N ASN A 35 -1.99 -9.10 -2.12
CA ASN A 35 -2.61 -9.52 -0.85
C ASN A 35 -4.02 -8.95 -0.74
N LEU A 36 -4.21 -7.74 -1.25
CA LEU A 36 -5.49 -7.06 -1.15
C LEU A 36 -6.33 -7.25 -2.41
N GLN A 37 -5.78 -8.02 -3.36
CA GLN A 37 -6.48 -8.29 -4.61
C GLN A 37 -7.68 -9.19 -4.39
N LYS A 38 -7.44 -10.39 -3.86
CA LYS A 38 -8.47 -11.40 -3.73
C LYS A 38 -9.20 -11.27 -2.40
N GLU A 39 -8.53 -10.66 -1.42
CA GLU A 39 -9.07 -10.56 -0.07
C GLU A 39 -10.04 -9.40 0.06
N HIS A 40 -9.68 -8.28 -0.55
CA HIS A 40 -10.48 -7.06 -0.40
C HIS A 40 -11.04 -6.60 -1.76
N GLY A 41 -10.57 -7.25 -2.83
CA GLY A 41 -11.14 -7.01 -4.15
C GLY A 41 -10.66 -5.70 -4.74
N LEU A 42 -9.46 -5.28 -4.34
CA LEU A 42 -8.90 -4.03 -4.83
C LEU A 42 -8.16 -4.25 -6.15
N GLY A 43 -8.30 -3.29 -7.07
CA GLY A 43 -7.67 -3.39 -8.37
C GLY A 43 -6.24 -2.87 -8.33
N LYS A 44 -5.51 -3.10 -9.41
CA LYS A 44 -4.10 -2.71 -9.48
C LYS A 44 -3.94 -1.20 -9.43
N ALA A 45 -4.69 -0.50 -10.27
CA ALA A 45 -4.67 0.96 -10.31
C ALA A 45 -5.17 1.54 -8.99
N ALA A 46 -6.19 0.90 -8.41
CA ALA A 46 -6.75 1.35 -7.15
C ALA A 46 -5.72 1.32 -6.03
N VAL A 47 -4.98 0.22 -5.96
CA VAL A 47 -3.98 0.03 -4.91
C VAL A 47 -2.79 0.98 -5.12
N VAL A 48 -2.30 1.04 -6.35
CA VAL A 48 -1.12 1.84 -6.66
C VAL A 48 -1.39 3.32 -6.43
N LYS A 49 -2.54 3.78 -6.89
CA LYS A 49 -2.92 5.18 -6.71
C LYS A 49 -3.17 5.50 -5.24
N ALA A 50 -3.75 4.55 -4.52
CA ALA A 50 -3.99 4.71 -3.09
C ALA A 50 -2.69 4.74 -2.32
N LEU A 51 -1.73 3.93 -2.74
CA LEU A 51 -0.41 3.91 -2.12
C LEU A 51 0.28 5.26 -2.21
N ASP A 52 0.25 5.85 -3.40
CA ASP A 52 0.83 7.17 -3.63
C ASP A 52 0.06 8.25 -2.89
N GLN A 53 -1.27 8.14 -2.93
CA GLN A 53 -2.12 9.09 -2.22
C GLN A 53 -1.81 9.14 -0.74
N LEU A 54 -1.71 7.96 -0.13
CA LEU A 54 -1.45 7.87 1.31
C LEU A 54 -0.15 8.55 1.67
N ALA A 55 0.89 8.29 0.88
CA ALA A 55 2.21 8.86 1.13
C ALA A 55 2.20 10.37 0.99
N GLN A 56 1.40 10.86 0.05
CA GLN A 56 1.25 12.30 -0.15
C GLN A 56 0.44 12.93 0.97
N GLU A 57 -0.53 12.20 1.49
CA GLU A 57 -1.34 12.67 2.60
C GLU A 57 -0.55 12.65 3.91
N GLY A 58 0.46 11.80 3.96
CA GLY A 58 1.30 11.67 5.15
C GLY A 58 0.84 10.52 6.04
N LYS A 59 0.10 9.59 5.45
CA LYS A 59 -0.42 8.44 6.19
C LYS A 59 0.61 7.32 6.26
N ILE A 60 1.40 7.18 5.20
CA ILE A 60 2.43 6.16 5.14
C ILE A 60 3.75 6.73 4.65
N LYS A 61 4.83 5.96 4.82
CA LYS A 61 6.13 6.34 4.29
C LYS A 61 6.46 5.57 3.02
N GLU A 62 7.23 6.18 2.13
CA GLU A 62 7.50 5.60 0.82
C GLU A 62 8.99 5.42 0.60
N LYS A 63 9.38 4.23 0.17
CA LYS A 63 10.77 3.97 -0.20
C LYS A 63 10.85 3.33 -1.58
N THR A 64 12.02 3.41 -2.20
CA THR A 64 12.25 2.80 -3.51
C THR A 64 13.46 1.88 -3.48
N TYR A 65 13.23 0.61 -3.81
CA TYR A 65 14.31 -0.36 -3.91
C TYR A 65 14.60 -0.71 -5.36
N GLY A 66 15.51 0.04 -5.97
CA GLY A 66 15.83 -0.13 -7.38
C GLY A 66 14.64 0.22 -8.26
N LYS A 67 14.06 -0.79 -8.91
CA LYS A 67 12.87 -0.59 -9.73
C LYS A 67 11.60 -0.98 -8.99
N GLN A 68 11.77 -1.35 -7.72
CA GLN A 68 10.65 -1.78 -6.90
C GLN A 68 10.20 -0.69 -5.93
N LYS A 69 8.89 -0.57 -5.74
CA LYS A 69 8.34 0.40 -4.81
C LYS A 69 7.97 -0.26 -3.48
N ILE A 70 8.34 0.40 -2.38
CA ILE A 70 8.06 -0.12 -1.05
C ILE A 70 7.23 0.86 -0.23
N TYR A 71 6.17 0.36 0.39
CA TYR A 71 5.29 1.21 1.18
C TYR A 71 5.04 0.59 2.56
N PHE A 72 5.01 1.45 3.58
CA PHE A 72 4.71 1.00 4.95
C PHE A 72 4.18 2.14 5.78
N ALA A 73 3.33 1.81 6.75
CA ALA A 73 2.75 2.80 7.65
C ALA A 73 3.67 3.11 8.82
N ASP A 74 3.68 4.36 9.26
CA ASP A 74 4.53 4.78 10.37
C ASP A 74 4.10 6.13 10.92
N GLY A 11 -11.70 4.35 -1.19
CA GLY A 11 -11.85 3.30 -0.19
C GLY A 11 -10.57 2.49 -0.05
N ALA A 12 -9.79 2.42 -1.13
CA ALA A 12 -8.58 1.62 -1.15
C ALA A 12 -7.55 2.15 -0.18
N PRO A 13 -7.40 3.47 -0.15
CA PRO A 13 -6.46 4.12 0.77
C PRO A 13 -6.74 3.73 2.21
N GLY A 14 -8.01 3.66 2.57
CA GLY A 14 -8.41 3.30 3.91
C GLY A 14 -8.11 1.83 4.20
N ILE A 15 -8.36 0.98 3.22
CA ILE A 15 -8.06 -0.45 3.36
C ILE A 15 -6.57 -0.69 3.50
N ILE A 16 -5.78 -0.01 2.69
CA ILE A 16 -4.33 -0.21 2.67
C ILE A 16 -3.69 0.33 3.95
N LEU A 17 -4.11 1.53 4.34
CA LEU A 17 -3.61 2.15 5.56
C LEU A 17 -3.86 1.26 6.77
N ARG A 18 -5.12 0.86 6.96
CA ARG A 18 -5.48 -0.06 8.02
C ARG A 18 -4.66 -1.34 7.94
N TYR A 19 -4.54 -1.88 6.73
CA TYR A 19 -3.77 -3.10 6.51
C TYR A 19 -2.33 -2.96 7.02
N LEU A 20 -1.68 -1.88 6.61
CA LEU A 20 -0.28 -1.67 6.94
C LEU A 20 -0.08 -1.48 8.44
N GLN A 21 -1.05 -0.84 9.08
CA GLN A 21 -0.99 -0.59 10.52
C GLN A 21 -1.18 -1.88 11.31
N GLU A 22 -2.11 -2.72 10.86
CA GLU A 22 -2.42 -3.96 11.55
C GLU A 22 -1.28 -4.97 11.39
N GLN A 23 -0.64 -4.96 10.23
CA GLN A 23 0.47 -5.86 9.96
C GLN A 23 1.77 -5.36 10.56
N ASN A 24 1.95 -4.04 10.52
CA ASN A 24 3.16 -3.43 11.05
C ASN A 24 4.40 -3.93 10.31
N ARG A 25 4.25 -4.18 9.02
CA ARG A 25 5.35 -4.70 8.20
C ARG A 25 5.41 -4.01 6.85
N PRO A 26 6.61 -3.92 6.29
CA PRO A 26 6.79 -3.31 4.97
C PRO A 26 6.29 -4.24 3.87
N TYR A 27 5.56 -3.66 2.91
CA TYR A 27 5.09 -4.41 1.76
C TYR A 27 5.31 -3.63 0.47
N SER A 28 5.75 -4.34 -0.57
CA SER A 28 5.95 -3.73 -1.88
C SER A 28 4.62 -3.35 -2.53
N ALA A 29 4.69 -2.55 -3.59
CA ALA A 29 3.51 -2.23 -4.38
C ALA A 29 2.81 -3.50 -4.85
N GLN A 30 3.58 -4.53 -5.15
CA GLN A 30 3.04 -5.80 -5.61
C GLN A 30 2.50 -6.63 -4.44
N ASP A 31 3.18 -6.54 -3.30
CA ASP A 31 2.75 -7.25 -2.10
C ASP A 31 1.37 -6.78 -1.66
N VAL A 32 1.18 -5.47 -1.57
CA VAL A 32 -0.08 -4.91 -1.09
C VAL A 32 -1.23 -5.24 -2.04
N PHE A 33 -0.98 -5.07 -3.33
CA PHE A 33 -1.97 -5.42 -4.34
C PHE A 33 -2.35 -6.90 -4.27
N GLY A 34 -1.34 -7.76 -4.38
CA GLY A 34 -1.56 -9.19 -4.44
C GLY A 34 -2.37 -9.67 -3.25
N ASN A 35 -2.06 -9.13 -2.08
CA ASN A 35 -2.72 -9.54 -0.84
C ASN A 35 -4.16 -9.04 -0.78
N LEU A 36 -4.37 -7.81 -1.24
CA LEU A 36 -5.68 -7.18 -1.17
C LEU A 36 -6.48 -7.44 -2.44
N GLN A 37 -5.85 -8.09 -3.41
CA GLN A 37 -6.50 -8.42 -4.67
C GLN A 37 -7.64 -9.41 -4.44
N LYS A 38 -7.43 -10.36 -3.54
CA LYS A 38 -8.43 -11.39 -3.27
C LYS A 38 -9.06 -11.20 -1.90
N GLU A 39 -8.42 -10.39 -1.06
CA GLU A 39 -8.92 -10.13 0.29
C GLU A 39 -10.05 -9.12 0.28
N HIS A 40 -9.81 -7.98 -0.35
CA HIS A 40 -10.79 -6.91 -0.41
C HIS A 40 -11.29 -6.68 -1.83
N GLY A 41 -10.50 -7.14 -2.80
CA GLY A 41 -10.91 -7.10 -4.20
C GLY A 41 -10.45 -5.82 -4.88
N LEU A 42 -9.32 -5.29 -4.42
CA LEU A 42 -8.80 -4.03 -4.95
C LEU A 42 -8.03 -4.26 -6.25
N GLY A 43 -8.15 -3.32 -7.17
CA GLY A 43 -7.46 -3.42 -8.46
C GLY A 43 -6.03 -2.92 -8.37
N LYS A 44 -5.26 -3.18 -9.41
CA LYS A 44 -3.84 -2.83 -9.42
C LYS A 44 -3.65 -1.32 -9.42
N ALA A 45 -4.34 -0.63 -10.31
CA ALA A 45 -4.28 0.83 -10.38
C ALA A 45 -4.82 1.45 -9.10
N ALA A 46 -5.86 0.85 -8.54
CA ALA A 46 -6.48 1.36 -7.32
C ALA A 46 -5.48 1.31 -6.16
N VAL A 47 -4.79 0.19 -6.02
CA VAL A 47 -3.84 0.01 -4.93
C VAL A 47 -2.63 0.92 -5.09
N VAL A 48 -2.07 0.93 -6.30
CA VAL A 48 -0.86 1.71 -6.57
C VAL A 48 -1.11 3.20 -6.37
N LYS A 49 -2.23 3.68 -6.89
CA LYS A 49 -2.61 5.08 -6.75
C LYS A 49 -2.93 5.42 -5.29
N ALA A 50 -3.53 4.46 -4.59
CA ALA A 50 -3.86 4.65 -3.18
C ALA A 50 -2.60 4.67 -2.32
N LEU A 51 -1.60 3.89 -2.72
CA LEU A 51 -0.32 3.86 -2.02
C LEU A 51 0.38 5.21 -2.10
N ASP A 52 0.28 5.85 -3.27
CA ASP A 52 0.87 7.17 -3.47
C ASP A 52 -0.01 8.27 -2.87
N GLN A 53 -1.31 8.02 -2.86
CA GLN A 53 -2.26 8.93 -2.22
C GLN A 53 -2.01 9.01 -0.72
N LEU A 54 -1.81 7.87 -0.08
CA LEU A 54 -1.54 7.81 1.34
C LEU A 54 -0.21 8.48 1.67
N ALA A 55 0.81 8.16 0.89
CA ALA A 55 2.14 8.72 1.11
C ALA A 55 2.15 10.23 0.90
N GLN A 56 1.37 10.69 -0.07
CA GLN A 56 1.25 12.12 -0.34
C GLN A 56 0.57 12.84 0.81
N GLU A 57 -0.46 12.22 1.38
CA GLU A 57 -1.19 12.79 2.50
C GLU A 57 -0.34 12.76 3.77
N GLY A 58 0.54 11.78 3.86
CA GLY A 58 1.40 11.63 5.03
C GLY A 58 0.90 10.54 5.97
N LYS A 59 0.12 9.62 5.41
CA LYS A 59 -0.45 8.53 6.20
C LYS A 59 0.53 7.37 6.32
N ILE A 60 1.32 7.15 5.27
CA ILE A 60 2.31 6.09 5.26
C ILE A 60 3.65 6.58 4.71
N LYS A 61 4.69 5.79 4.93
CA LYS A 61 6.02 6.09 4.39
C LYS A 61 6.31 5.27 3.15
N GLU A 62 7.22 5.76 2.31
CA GLU A 62 7.55 5.09 1.06
C GLU A 62 9.05 5.15 0.79
N LYS A 63 9.58 4.07 0.22
CA LYS A 63 10.97 4.03 -0.21
C LYS A 63 11.11 3.31 -1.54
N THR A 64 11.94 3.86 -2.43
CA THR A 64 12.16 3.27 -3.74
C THR A 64 13.35 2.32 -3.73
N TYR A 65 13.10 1.06 -4.07
CA TYR A 65 14.15 0.05 -4.11
C TYR A 65 14.36 -0.46 -5.53
N GLY A 66 15.34 0.13 -6.22
CA GLY A 66 15.61 -0.21 -7.61
C GLY A 66 14.51 0.30 -8.53
N LYS A 67 13.83 -0.62 -9.23
CA LYS A 67 12.73 -0.26 -10.11
C LYS A 67 11.39 -0.42 -9.41
N GLN A 68 11.42 -0.93 -8.18
CA GLN A 68 10.21 -1.17 -7.41
C GLN A 68 10.10 -0.20 -6.24
N LYS A 69 8.90 -0.15 -5.65
CA LYS A 69 8.68 0.69 -4.47
C LYS A 69 8.08 -0.12 -3.33
N ILE A 70 8.45 0.24 -2.11
CA ILE A 70 7.94 -0.44 -0.91
C ILE A 70 7.32 0.55 0.06
N TYR A 71 6.13 0.21 0.56
CA TYR A 71 5.39 1.11 1.44
C TYR A 71 5.18 0.49 2.81
N PHE A 72 5.15 1.33 3.84
CA PHE A 72 4.95 0.86 5.21
C PHE A 72 4.39 1.96 6.09
N ALA A 73 3.62 1.57 7.09
CA ALA A 73 3.03 2.53 8.03
C ALA A 73 4.06 3.00 9.06
N ASP A 74 3.96 4.25 9.45
CA ASP A 74 4.89 4.82 10.43
C ASP A 74 4.30 6.07 11.08
#